data_1BBS
#
_entry.id   1BBS
#
_cell.length_a   143.100
_cell.length_b   143.100
_cell.length_c   143.100
_cell.angle_alpha   90.00
_cell.angle_beta   90.00
_cell.angle_gamma   90.00
#
_symmetry.space_group_name_H-M   'P 21 3'
#
_entity_poly.entity_id   1
_entity_poly.type   'polypeptide(L)'
_entity_poly.pdbx_seq_one_letter_code
;LTLGNTTSSVILTNYMDTQYYGEIGIGTPPQTFKVVFDTGSSNVWVPSSKCSRLYTACVYHKLFDASDSSSYKHNGTELT
LRYSTGTVSGFLSQDIITVGGITVTQMFGEVTEMPALPFMLAEFDGVVGMGFIEQAIGRVTPIFDNIISQGVLKEDVFSF
YYNRDSENSQSLGGQIVLGGSDPQHYEGNFHYINLIKTGVWQIQMKGVSVGSSTLLCEDGCLALVDTGASYISGSTSSIE
KLMEALGAKKRLFDYVVKCNEGPTLPDISFHLGGKEYTLTSADYVFQESYSSKKLCTLAIHAMDIPPPTGPTWALGATFI
RKFYTEFDRRNNRIGFALAR
;
_entity_poly.pdbx_strand_id   A,B
#
# COMPACT_ATOMS: atom_id res chain seq x y z
N THR A 6 -5.71 -26.83 -36.50
CA THR A 6 -6.14 -26.48 -35.15
C THR A 6 -5.39 -25.23 -34.68
N THR A 7 -5.93 -24.60 -33.64
CA THR A 7 -5.21 -23.43 -33.10
C THR A 7 -5.20 -23.44 -31.60
N SER A 8 -4.08 -23.28 -30.91
CA SER A 8 -4.21 -23.32 -29.45
C SER A 8 -3.60 -22.13 -28.78
N SER A 9 -4.28 -21.58 -27.79
CA SER A 9 -3.65 -20.37 -27.19
C SER A 9 -3.42 -20.58 -25.70
N VAL A 10 -2.33 -19.98 -25.28
CA VAL A 10 -1.89 -20.04 -23.87
C VAL A 10 -2.00 -18.62 -23.30
N ILE A 11 -2.75 -18.42 -22.24
CA ILE A 11 -2.92 -17.10 -21.62
C ILE A 11 -1.80 -16.72 -20.68
N LEU A 12 -1.28 -15.52 -20.78
CA LEU A 12 -0.17 -15.07 -19.94
C LEU A 12 -0.67 -14.11 -18.84
N THR A 13 0.21 -13.97 -17.88
CA THR A 13 0.11 -13.13 -16.68
C THR A 13 1.08 -11.98 -16.76
N ASN A 14 0.66 -10.77 -16.43
CA ASN A 14 1.61 -9.64 -16.51
C ASN A 14 1.98 -9.18 -15.10
N TYR A 15 3.25 -9.26 -14.80
CA TYR A 15 3.78 -8.83 -13.49
C TYR A 15 4.64 -7.58 -13.70
N MET A 16 4.02 -6.47 -13.45
CA MET A 16 4.64 -5.18 -13.60
C MET A 16 5.32 -4.94 -14.90
N ASP A 17 4.72 -5.33 -16.00
CA ASP A 17 5.28 -5.05 -17.31
C ASP A 17 6.71 -5.50 -17.48
N THR A 18 7.22 -6.43 -16.68
CA THR A 18 8.63 -6.80 -16.99
C THR A 18 8.77 -8.33 -17.04
N GLN A 19 7.74 -9.05 -16.67
CA GLN A 19 7.60 -10.50 -16.60
C GLN A 19 6.18 -10.92 -17.05
N TYR A 20 6.07 -11.66 -18.12
CA TYR A 20 4.89 -12.24 -18.76
C TYR A 20 5.05 -13.78 -18.75
N TYR A 21 4.28 -14.51 -17.94
CA TYR A 21 4.48 -15.96 -17.91
C TYR A 21 3.20 -16.73 -18.05
N GLY A 22 3.22 -17.85 -18.74
CA GLY A 22 2.01 -18.67 -18.89
C GLY A 22 2.16 -19.96 -18.12
N GLU A 23 1.33 -20.97 -18.39
CA GLU A 23 1.49 -22.19 -17.57
C GLU A 23 1.57 -23.44 -18.41
N ILE A 24 2.53 -24.30 -18.14
CA ILE A 24 2.61 -25.58 -18.90
C ILE A 24 2.60 -26.73 -17.89
N GLY A 25 2.25 -27.92 -18.36
CA GLY A 25 2.25 -29.01 -17.37
C GLY A 25 3.23 -30.09 -17.80
N ILE A 26 4.00 -30.56 -16.83
CA ILE A 26 4.99 -31.61 -17.12
C ILE A 26 4.66 -32.89 -16.38
N GLY A 27 4.60 -34.02 -17.06
CA GLY A 27 4.37 -35.26 -16.33
C GLY A 27 2.99 -35.85 -16.37
N THR A 28 2.88 -36.85 -15.53
CA THR A 28 1.69 -37.66 -15.31
C THR A 28 1.68 -38.26 -13.92
N PRO A 29 0.80 -37.78 -13.07
CA PRO A 29 -0.10 -36.66 -13.44
C PRO A 29 0.79 -35.44 -13.70
N PRO A 30 0.30 -34.48 -14.43
CA PRO A 30 1.01 -33.25 -14.79
C PRO A 30 1.36 -32.41 -13.57
N GLN A 31 2.57 -31.89 -13.58
CA GLN A 31 3.12 -30.99 -12.55
C GLN A 31 3.17 -29.58 -13.17
N THR A 32 2.36 -28.70 -12.66
CA THR A 32 2.19 -27.35 -13.18
C THR A 32 3.30 -26.42 -12.91
N PHE A 33 3.74 -25.69 -13.93
CA PHE A 33 4.85 -24.74 -13.77
C PHE A 33 4.52 -23.44 -14.53
N LYS A 34 4.94 -22.35 -13.95
CA LYS A 34 4.77 -20.98 -14.51
C LYS A 34 5.98 -20.72 -15.42
N VAL A 35 5.82 -20.37 -16.67
CA VAL A 35 7.06 -20.17 -17.47
C VAL A 35 6.93 -18.95 -18.37
N VAL A 36 8.05 -18.51 -18.90
CA VAL A 36 8.20 -17.37 -19.83
C VAL A 36 8.43 -17.89 -21.24
N PHE A 37 7.67 -17.51 -22.27
CA PHE A 37 7.93 -18.10 -23.62
C PHE A 37 8.84 -17.13 -24.40
N ASP A 38 10.08 -17.46 -24.49
CA ASP A 38 11.35 -17.00 -24.91
C ASP A 38 11.73 -17.12 -26.35
N THR A 39 11.62 -16.09 -27.20
CA THR A 39 12.09 -16.28 -28.57
C THR A 39 13.58 -16.12 -28.69
N GLY A 40 14.30 -16.00 -27.59
CA GLY A 40 15.75 -15.80 -27.61
C GLY A 40 16.52 -17.09 -27.39
N SER A 41 15.88 -18.10 -26.85
CA SER A 41 16.53 -19.39 -26.57
C SER A 41 15.82 -20.53 -27.25
N SER A 42 16.14 -21.78 -26.97
CA SER A 42 15.45 -22.88 -27.68
C SER A 42 15.30 -24.09 -26.79
N ASN A 43 15.85 -23.95 -25.59
CA ASN A 43 15.72 -25.10 -24.66
C ASN A 43 14.52 -24.85 -23.75
N VAL A 44 13.99 -25.85 -23.10
CA VAL A 44 12.85 -25.74 -22.17
C VAL A 44 13.34 -26.14 -20.77
N TRP A 45 13.17 -25.35 -19.73
CA TRP A 45 13.67 -25.85 -18.44
C TRP A 45 12.74 -25.45 -17.31
N VAL A 46 12.80 -26.16 -16.22
CA VAL A 46 12.02 -25.95 -14.97
C VAL A 46 12.91 -26.34 -13.78
N PRO A 47 12.80 -25.83 -12.57
CA PRO A 47 13.75 -26.31 -11.53
C PRO A 47 13.48 -27.77 -11.20
N SER A 48 14.45 -28.44 -10.60
CA SER A 48 14.26 -29.86 -10.27
C SER A 48 14.55 -30.11 -8.79
N SER A 49 13.93 -31.15 -8.27
CA SER A 49 14.00 -31.62 -6.88
C SER A 49 15.44 -31.80 -6.45
N LYS A 50 16.28 -32.21 -7.39
CA LYS A 50 17.69 -32.39 -7.06
C LYS A 50 18.38 -31.06 -6.90
N CYS A 51 17.61 -29.99 -6.91
CA CYS A 51 18.24 -28.68 -6.74
C CYS A 51 18.47 -28.42 -5.24
N SER A 52 19.71 -28.24 -4.88
CA SER A 52 20.17 -28.00 -3.51
C SER A 52 19.49 -26.76 -2.92
N ARG A 53 18.90 -26.92 -1.76
CA ARG A 53 18.18 -25.87 -1.04
C ARG A 53 19.06 -24.75 -0.59
N LEU A 54 20.37 -24.85 -0.85
CA LEU A 54 21.28 -23.72 -0.52
C LEU A 54 21.09 -22.63 -1.59
N TYR A 55 20.66 -23.07 -2.76
CA TYR A 55 20.30 -22.12 -3.86
C TYR A 55 18.91 -21.59 -3.45
N THR A 56 18.83 -20.43 -2.86
CA THR A 56 17.55 -19.92 -2.35
C THR A 56 16.48 -19.90 -3.39
N ALA A 57 16.94 -19.88 -4.64
CA ALA A 57 15.95 -19.83 -5.72
C ALA A 57 15.09 -21.06 -5.77
N CYS A 58 15.68 -22.22 -5.50
CA CYS A 58 15.02 -23.52 -5.52
C CYS A 58 14.08 -23.73 -4.37
N VAL A 59 14.21 -22.87 -3.39
CA VAL A 59 13.33 -22.92 -2.21
C VAL A 59 12.12 -22.03 -2.45
N TYR A 60 12.26 -21.11 -3.39
CA TYR A 60 11.17 -20.18 -3.69
C TYR A 60 10.40 -20.56 -4.94
N HIS A 61 10.77 -21.57 -5.71
CA HIS A 61 10.09 -22.00 -6.92
C HIS A 61 9.60 -23.43 -6.88
N LYS A 62 8.72 -23.75 -7.81
CA LYS A 62 8.16 -25.11 -7.87
C LYS A 62 9.14 -26.07 -8.49
N LEU A 63 9.34 -27.24 -7.89
CA LEU A 63 10.33 -28.15 -8.46
C LEU A 63 9.73 -29.34 -9.16
N PHE A 64 10.39 -29.86 -10.20
CA PHE A 64 9.89 -31.02 -10.94
C PHE A 64 10.35 -32.33 -10.33
N ASP A 65 9.44 -33.22 -9.95
CA ASP A 65 9.82 -34.53 -9.39
C ASP A 65 9.68 -35.61 -10.44
N ALA A 66 10.72 -36.27 -10.90
CA ALA A 66 10.42 -37.31 -11.93
C ALA A 66 9.91 -38.58 -11.26
N SER A 67 10.05 -38.61 -9.94
CA SER A 67 9.60 -39.83 -9.23
C SER A 67 8.09 -39.81 -9.07
N ASP A 68 7.49 -38.67 -9.33
CA ASP A 68 6.03 -38.50 -9.21
C ASP A 68 5.38 -38.43 -10.57
N SER A 69 6.21 -38.76 -11.56
CA SER A 69 5.69 -38.76 -12.92
C SER A 69 5.98 -40.10 -13.57
N SER A 70 4.91 -40.68 -14.07
CA SER A 70 5.07 -41.99 -14.71
C SER A 70 5.35 -41.89 -16.19
N SER A 71 5.45 -40.71 -16.80
CA SER A 71 5.71 -40.77 -18.27
C SER A 71 7.18 -40.44 -18.53
N TYR A 72 7.90 -40.16 -17.48
CA TYR A 72 9.24 -39.71 -17.34
C TYR A 72 10.31 -40.64 -17.78
N LYS A 73 11.18 -40.24 -18.71
CA LYS A 73 12.28 -41.16 -19.08
C LYS A 73 13.61 -40.46 -18.83
N HIS A 74 14.50 -41.20 -18.23
CA HIS A 74 15.87 -40.81 -17.89
C HIS A 74 16.57 -40.28 -19.16
N ASN A 75 17.66 -39.64 -18.93
CA ASN A 75 18.65 -39.02 -19.83
C ASN A 75 19.66 -38.29 -18.98
N GLY A 76 20.95 -38.49 -19.12
CA GLY A 76 21.78 -37.79 -18.11
C GLY A 76 22.26 -36.43 -18.52
N THR A 77 22.55 -36.27 -19.78
CA THR A 77 23.07 -35.13 -20.46
C THR A 77 23.12 -33.84 -19.75
N GLU A 78 24.31 -33.34 -19.42
CA GLU A 78 24.42 -32.09 -18.68
C GLU A 78 24.04 -30.91 -19.55
N LEU A 79 23.52 -29.87 -18.92
CA LEU A 79 23.10 -28.67 -19.66
C LEU A 79 23.55 -27.41 -18.87
N THR A 80 24.03 -26.45 -19.61
CA THR A 80 24.38 -25.13 -19.12
C THR A 80 23.74 -24.07 -20.01
N LEU A 81 22.57 -23.58 -19.63
CA LEU A 81 22.02 -22.57 -20.59
C LEU A 81 22.61 -21.23 -20.33
N ARG A 82 23.17 -20.50 -21.31
CA ARG A 82 23.74 -19.21 -20.88
C ARG A 82 22.96 -18.02 -21.33
N TYR A 83 22.01 -17.52 -20.54
CA TYR A 83 21.24 -16.33 -21.01
C TYR A 83 22.13 -15.10 -20.90
N SER A 84 21.67 -13.96 -21.40
CA SER A 84 22.56 -12.80 -21.23
C SER A 84 22.40 -12.18 -19.87
N THR A 85 21.31 -12.47 -19.17
CA THR A 85 21.15 -11.93 -17.83
C THR A 85 21.43 -12.95 -16.77
N GLY A 86 21.17 -14.20 -17.04
CA GLY A 86 21.50 -15.15 -15.94
C GLY A 86 21.97 -16.47 -16.54
N THR A 87 22.41 -17.36 -15.68
CA THR A 87 22.88 -18.69 -16.08
C THR A 87 22.27 -19.77 -15.21
N VAL A 88 22.04 -20.93 -15.79
CA VAL A 88 21.48 -22.08 -15.07
C VAL A 88 22.09 -23.38 -15.56
N SER A 89 22.09 -24.40 -14.73
CA SER A 89 22.75 -25.67 -15.16
C SER A 89 21.95 -26.85 -14.65
N GLY A 90 21.98 -27.97 -15.36
CA GLY A 90 21.21 -29.15 -14.93
C GLY A 90 21.39 -30.31 -15.90
N PHE A 91 20.40 -31.18 -16.05
CA PHE A 91 20.60 -32.31 -16.99
C PHE A 91 19.35 -32.56 -17.81
N LEU A 92 19.48 -33.23 -18.95
CA LEU A 92 18.35 -33.51 -19.82
C LEU A 92 17.38 -34.51 -19.21
N SER A 93 16.12 -34.37 -19.55
CA SER A 93 15.08 -35.29 -19.02
C SER A 93 13.99 -35.46 -20.08
N GLN A 94 13.22 -36.52 -19.99
CA GLN A 94 12.15 -36.66 -20.97
C GLN A 94 10.82 -36.92 -20.30
N ASP A 95 9.80 -36.25 -20.84
CA ASP A 95 8.46 -36.49 -20.26
C ASP A 95 7.44 -35.88 -21.21
N ILE A 96 6.16 -35.94 -20.88
CA ILE A 96 5.20 -35.31 -21.82
C ILE A 96 4.78 -33.94 -21.29
N ILE A 97 4.98 -32.90 -22.07
CA ILE A 97 4.60 -31.53 -21.66
C ILE A 97 3.23 -31.20 -22.25
N THR A 98 2.40 -30.43 -21.59
CA THR A 98 1.08 -30.05 -22.14
C THR A 98 1.10 -28.51 -22.32
N VAL A 99 0.99 -27.99 -23.51
CA VAL A 99 1.02 -26.52 -23.68
C VAL A 99 -0.30 -26.03 -24.24
N GLY A 100 -1.13 -25.54 -23.34
CA GLY A 100 -2.41 -25.01 -23.79
C GLY A 100 -3.12 -25.97 -24.71
N GLY A 101 -3.55 -27.09 -24.13
CA GLY A 101 -4.31 -28.04 -24.96
C GLY A 101 -3.40 -29.08 -25.57
N ILE A 102 -2.52 -28.69 -26.49
CA ILE A 102 -1.60 -29.63 -27.10
C ILE A 102 -0.78 -30.41 -26.06
N THR A 103 -0.47 -31.62 -26.42
CA THR A 103 0.36 -32.53 -25.60
C THR A 103 1.59 -32.93 -26.42
N VAL A 104 2.77 -32.72 -25.93
CA VAL A 104 3.91 -33.10 -26.83
C VAL A 104 4.92 -33.89 -26.03
N THR A 105 5.55 -34.92 -26.57
CA THR A 105 6.59 -35.57 -25.68
C THR A 105 7.83 -34.66 -25.80
N GLN A 106 8.30 -34.11 -24.70
CA GLN A 106 9.44 -33.18 -24.84
C GLN A 106 10.55 -33.51 -23.86
N MET A 107 11.74 -33.20 -24.34
CA MET A 107 13.00 -33.36 -23.58
C MET A 107 13.31 -32.00 -22.92
N PHE A 108 13.31 -31.93 -21.62
CA PHE A 108 13.61 -30.60 -21.04
C PHE A 108 14.82 -30.65 -20.15
N GLY A 109 15.09 -29.59 -19.39
CA GLY A 109 16.28 -29.75 -18.56
C GLY A 109 15.90 -29.65 -17.09
N GLU A 110 16.43 -30.52 -16.25
CA GLU A 110 16.08 -30.33 -14.81
C GLU A 110 17.17 -29.41 -14.24
N VAL A 111 16.85 -28.16 -13.96
CA VAL A 111 17.93 -27.30 -13.45
C VAL A 111 18.29 -27.60 -12.04
N THR A 112 19.58 -27.57 -11.72
CA THR A 112 19.96 -27.93 -10.32
C THR A 112 20.79 -26.77 -9.75
N GLU A 113 21.12 -25.90 -10.68
CA GLU A 113 21.88 -24.70 -10.29
C GLU A 113 21.19 -23.46 -10.75
N MET A 114 20.73 -22.68 -9.78
CA MET A 114 19.97 -21.45 -10.14
C MET A 114 20.51 -20.29 -9.30
N PRO A 115 21.20 -19.34 -9.86
CA PRO A 115 21.73 -18.21 -9.08
C PRO A 115 20.62 -17.32 -8.56
N ALA A 116 20.64 -16.85 -7.32
CA ALA A 116 19.57 -15.95 -6.84
C ALA A 116 19.46 -14.71 -7.68
N LEU A 117 20.57 -14.14 -8.16
CA LEU A 117 20.36 -12.98 -9.06
C LEU A 117 20.43 -13.53 -10.51
N PRO A 118 19.39 -13.44 -11.26
CA PRO A 118 18.12 -12.78 -11.03
C PRO A 118 17.02 -13.72 -10.58
N PHE A 119 17.17 -15.03 -10.69
CA PHE A 119 16.19 -16.02 -10.34
C PHE A 119 15.35 -15.76 -9.17
N MET A 120 15.84 -15.05 -8.18
CA MET A 120 15.15 -14.72 -6.94
C MET A 120 14.13 -13.61 -7.16
N LEU A 121 14.19 -12.90 -8.24
CA LEU A 121 13.33 -11.79 -8.67
C LEU A 121 12.20 -12.31 -9.59
N ALA A 122 12.33 -13.55 -10.00
CA ALA A 122 11.40 -14.15 -10.95
C ALA A 122 10.16 -14.71 -10.32
N GLU A 123 9.00 -14.30 -10.81
CA GLU A 123 7.69 -14.80 -10.39
C GLU A 123 7.42 -16.14 -11.12
N PHE A 124 8.13 -16.43 -12.17
CA PHE A 124 7.91 -17.68 -12.92
C PHE A 124 8.86 -18.78 -12.47
N ASP A 125 8.77 -20.00 -12.93
CA ASP A 125 9.69 -21.05 -12.47
C ASP A 125 10.74 -21.37 -13.50
N GLY A 126 10.33 -21.37 -14.76
CA GLY A 126 11.26 -21.71 -15.82
C GLY A 126 11.10 -20.99 -17.13
N VAL A 127 11.47 -21.66 -18.21
CA VAL A 127 11.43 -20.99 -19.52
C VAL A 127 11.18 -21.99 -20.64
N VAL A 128 10.53 -21.52 -21.69
CA VAL A 128 10.31 -22.37 -22.86
C VAL A 128 10.87 -21.67 -24.10
N GLY A 129 11.93 -22.14 -24.72
CA GLY A 129 12.50 -21.47 -25.89
C GLY A 129 11.66 -21.64 -27.15
N MET A 130 11.38 -20.56 -27.87
CA MET A 130 10.60 -20.69 -29.12
C MET A 130 11.49 -20.38 -30.32
N GLY A 131 12.77 -20.60 -30.14
CA GLY A 131 13.82 -20.38 -31.12
C GLY A 131 14.08 -21.59 -32.00
N PHE A 132 14.97 -21.40 -32.95
CA PHE A 132 15.27 -22.51 -33.89
C PHE A 132 16.16 -23.54 -33.23
N ILE A 133 16.19 -24.70 -33.86
CA ILE A 133 17.06 -25.77 -33.30
C ILE A 133 18.52 -25.43 -33.55
N GLU A 134 18.89 -24.19 -33.74
CA GLU A 134 20.37 -24.09 -34.02
C GLU A 134 21.04 -23.36 -32.89
N GLN A 135 20.17 -22.64 -32.19
CA GLN A 135 20.69 -21.92 -30.97
C GLN A 135 20.40 -22.92 -29.80
N ALA A 136 19.80 -24.03 -30.25
CA ALA A 136 19.38 -25.12 -29.36
C ALA A 136 20.52 -25.75 -28.64
N ILE A 137 20.70 -25.45 -27.35
CA ILE A 137 21.87 -26.10 -26.72
C ILE A 137 21.64 -27.59 -26.55
N GLY A 138 22.59 -28.34 -27.04
CA GLY A 138 22.63 -29.81 -27.05
C GLY A 138 21.78 -30.38 -28.18
N ARG A 139 21.57 -29.66 -29.25
CA ARG A 139 20.77 -30.07 -30.40
C ARG A 139 19.46 -30.67 -30.02
N VAL A 140 18.98 -30.42 -28.79
CA VAL A 140 17.68 -31.04 -28.48
C VAL A 140 16.55 -30.24 -29.12
N THR A 141 15.79 -30.91 -29.97
CA THR A 141 14.64 -30.38 -30.70
C THR A 141 13.72 -29.55 -29.82
N PRO A 142 13.52 -28.32 -30.21
CA PRO A 142 12.70 -27.28 -29.61
C PRO A 142 11.24 -27.68 -29.50
N ILE A 143 10.51 -27.11 -28.53
CA ILE A 143 9.10 -27.57 -28.44
C ILE A 143 8.27 -27.16 -29.62
N PHE A 144 8.52 -26.02 -30.26
CA PHE A 144 7.62 -25.69 -31.38
C PHE A 144 7.75 -26.70 -32.51
N ASP A 145 8.99 -27.07 -32.78
CA ASP A 145 9.29 -28.05 -33.83
C ASP A 145 8.54 -29.34 -33.59
N ASN A 146 8.41 -29.80 -32.36
CA ASN A 146 7.67 -31.03 -32.11
C ASN A 146 6.19 -30.85 -32.38
N ILE A 147 5.60 -29.74 -31.94
CA ILE A 147 4.17 -29.55 -32.19
C ILE A 147 3.88 -29.51 -33.68
N ILE A 148 4.84 -28.90 -34.37
CA ILE A 148 4.75 -28.84 -35.85
C ILE A 148 4.69 -30.29 -36.37
N SER A 149 5.69 -31.08 -36.11
CA SER A 149 5.84 -32.49 -36.49
C SER A 149 4.56 -33.26 -36.23
N GLN A 150 3.86 -32.85 -35.19
CA GLN A 150 2.64 -33.60 -34.86
C GLN A 150 1.58 -33.45 -35.95
N GLY A 151 1.60 -32.33 -36.63
CA GLY A 151 0.61 -32.04 -37.69
C GLY A 151 -0.73 -31.74 -37.07
N VAL A 152 -0.80 -30.68 -36.25
CA VAL A 152 -2.14 -30.45 -35.67
C VAL A 152 -2.53 -28.99 -35.81
N LEU A 153 -1.55 -28.12 -35.79
CA LEU A 153 -1.78 -26.67 -35.93
C LEU A 153 -2.39 -26.35 -37.30
N LYS A 154 -2.88 -25.15 -37.46
CA LYS A 154 -3.51 -24.70 -38.72
C LYS A 154 -2.51 -23.90 -39.56
N GLU A 155 -1.40 -23.56 -38.97
CA GLU A 155 -0.34 -22.74 -39.59
C GLU A 155 0.98 -22.91 -38.82
N ASP A 156 2.06 -22.94 -39.55
CA ASP A 156 3.38 -23.10 -38.93
C ASP A 156 3.85 -21.75 -38.37
N VAL A 157 3.04 -21.18 -37.49
CA VAL A 157 3.34 -19.89 -36.84
C VAL A 157 2.84 -19.86 -35.41
N PHE A 158 3.07 -18.75 -34.75
CA PHE A 158 2.66 -18.37 -33.41
C PHE A 158 2.83 -16.89 -33.15
N SER A 159 1.94 -16.27 -32.41
CA SER A 159 2.01 -14.83 -32.13
C SER A 159 2.01 -14.53 -30.64
N PHE A 160 2.41 -13.33 -30.27
CA PHE A 160 2.49 -12.80 -28.93
C PHE A 160 1.65 -11.54 -28.78
N TYR A 161 1.01 -11.42 -27.64
CA TYR A 161 0.25 -10.19 -27.33
C TYR A 161 0.64 -9.80 -25.89
N TYR A 162 1.16 -8.61 -25.72
CA TYR A 162 1.53 -8.19 -24.37
C TYR A 162 0.64 -7.00 -23.96
N ASN A 163 0.08 -7.12 -22.77
CA ASN A 163 -0.83 -6.04 -22.38
C ASN A 163 -0.12 -5.04 -21.45
N ARG A 164 -0.79 -3.92 -21.18
CA ARG A 164 -0.29 -2.82 -20.30
C ARG A 164 -1.09 -2.83 -18.92
N ASP A 165 -0.57 -3.70 -18.01
CA ASP A 165 -1.08 -4.10 -16.60
C ASP A 165 -2.59 -3.89 -16.32
N SER A 166 -2.83 -3.63 -15.04
CA SER A 166 -4.13 -3.44 -14.43
C SER A 166 -3.81 -3.00 -13.00
N GLU A 167 -4.82 -2.52 -12.34
CA GLU A 167 -4.74 -1.87 -11.02
C GLU A 167 -5.58 -0.61 -11.22
N LEU A 172 -7.17 -9.14 -18.92
CA LEU A 172 -6.11 -10.25 -19.20
C LEU A 172 -4.68 -9.68 -19.48
N GLY A 173 -3.67 -10.39 -18.97
CA GLY A 173 -2.23 -10.00 -19.06
C GLY A 173 -1.76 -9.92 -20.52
N GLY A 174 -1.98 -11.05 -21.22
CA GLY A 174 -1.30 -11.19 -22.53
C GLY A 174 -1.67 -12.54 -23.08
N GLN A 175 -1.18 -12.88 -24.26
CA GLN A 175 -1.59 -14.23 -24.72
C GLN A 175 -0.79 -14.64 -25.95
N ILE A 176 -0.40 -15.89 -25.99
CA ILE A 176 0.35 -16.59 -27.04
C ILE A 176 -0.61 -17.51 -27.83
N VAL A 177 -0.61 -17.46 -29.13
CA VAL A 177 -1.52 -18.37 -29.90
C VAL A 177 -0.70 -19.26 -30.80
N LEU A 178 -0.64 -20.55 -30.58
CA LEU A 178 0.13 -21.45 -31.47
C LEU A 178 -0.71 -21.79 -32.70
N GLY A 179 -0.28 -21.50 -33.91
CA GLY A 179 -1.03 -21.85 -35.12
C GLY A 179 -1.71 -20.69 -35.79
N GLY A 180 -1.49 -19.48 -35.27
CA GLY A 180 -2.13 -18.33 -35.88
C GLY A 180 -2.18 -17.06 -35.06
N SER A 181 -3.12 -16.19 -35.40
CA SER A 181 -3.23 -14.92 -34.72
C SER A 181 -4.63 -14.66 -34.22
N ASP A 182 -4.75 -13.74 -33.28
CA ASP A 182 -6.12 -13.48 -32.80
C ASP A 182 -6.53 -12.08 -33.20
N PRO A 183 -7.44 -11.94 -34.15
CA PRO A 183 -7.78 -10.57 -34.59
C PRO A 183 -8.42 -9.77 -33.51
N GLN A 184 -8.47 -10.28 -32.28
CA GLN A 184 -9.10 -9.34 -31.31
C GLN A 184 -8.03 -8.42 -30.73
N HIS A 185 -6.78 -8.82 -30.83
CA HIS A 185 -5.70 -8.05 -30.21
C HIS A 185 -4.87 -7.31 -31.21
N TYR A 186 -5.44 -7.11 -32.39
CA TYR A 186 -4.60 -6.37 -33.34
C TYR A 186 -5.40 -5.62 -34.35
N GLU A 187 -4.80 -4.56 -34.90
CA GLU A 187 -5.66 -3.91 -35.89
C GLU A 187 -4.91 -3.46 -37.11
N GLY A 188 -5.62 -3.48 -38.23
CA GLY A 188 -5.04 -3.10 -39.52
C GLY A 188 -4.42 -4.34 -40.16
N ASN A 189 -3.38 -4.10 -40.94
CA ASN A 189 -2.70 -5.17 -41.65
C ASN A 189 -1.36 -5.51 -41.06
N PHE A 190 -1.05 -6.80 -41.11
CA PHE A 190 0.30 -7.23 -40.65
C PHE A 190 1.30 -6.77 -41.73
N HIS A 191 2.52 -6.58 -41.36
CA HIS A 191 3.59 -6.21 -42.31
C HIS A 191 4.84 -7.00 -41.94
N TYR A 192 5.25 -7.90 -42.81
CA TYR A 192 6.36 -8.78 -42.66
C TYR A 192 7.73 -8.24 -42.95
N ILE A 193 8.68 -8.79 -42.21
CA ILE A 193 10.09 -8.42 -42.41
C ILE A 193 10.90 -9.72 -42.49
N ASN A 194 11.63 -10.03 -43.54
CA ASN A 194 12.29 -11.32 -43.55
C ASN A 194 13.46 -11.41 -42.62
N LEU A 195 13.62 -12.62 -42.11
CA LEU A 195 14.76 -12.90 -41.19
C LEU A 195 16.07 -12.71 -42.01
N ILE A 196 17.09 -12.04 -41.53
CA ILE A 196 18.33 -11.98 -42.32
C ILE A 196 18.95 -13.38 -42.39
N LYS A 197 19.24 -13.91 -41.21
CA LYS A 197 19.79 -15.30 -41.22
C LYS A 197 18.72 -16.25 -40.73
N THR A 198 18.88 -17.56 -40.96
CA THR A 198 17.86 -18.45 -40.38
C THR A 198 18.46 -19.17 -39.18
N GLY A 199 17.58 -19.40 -38.22
CA GLY A 199 18.02 -20.07 -36.98
C GLY A 199 18.08 -19.02 -35.91
N VAL A 200 17.56 -17.84 -36.25
CA VAL A 200 17.53 -16.76 -35.27
C VAL A 200 16.47 -15.74 -35.63
N TRP A 201 15.64 -15.44 -34.65
CA TRP A 201 14.55 -14.46 -34.92
C TRP A 201 15.16 -13.07 -34.95
N GLN A 202 15.92 -12.82 -36.00
CA GLN A 202 16.65 -11.55 -36.13
C GLN A 202 16.36 -10.92 -37.48
N ILE A 203 16.25 -9.61 -37.44
CA ILE A 203 15.93 -8.85 -38.67
C ILE A 203 16.85 -7.63 -38.77
N GLN A 204 16.97 -7.04 -39.93
CA GLN A 204 17.83 -5.86 -40.05
C GLN A 204 17.03 -4.59 -39.71
N MET A 205 17.71 -3.65 -39.13
CA MET A 205 17.19 -2.34 -38.73
C MET A 205 17.93 -1.25 -39.51
N LYS A 206 17.23 -0.41 -40.23
CA LYS A 206 17.91 0.64 -41.03
C LYS A 206 17.74 1.98 -40.33
N GLY A 207 18.00 2.00 -39.04
CA GLY A 207 18.33 3.09 -38.14
C GLY A 207 17.17 3.34 -37.16
N VAL A 208 17.57 3.96 -36.05
CA VAL A 208 16.70 4.37 -34.94
C VAL A 208 16.68 5.90 -34.92
N SER A 209 15.49 6.47 -34.89
CA SER A 209 15.35 7.93 -34.97
C SER A 209 14.93 8.55 -33.64
N VAL A 210 15.82 9.39 -33.14
CA VAL A 210 15.61 10.16 -31.92
C VAL A 210 15.05 11.52 -32.29
N GLY A 211 13.76 11.63 -32.15
CA GLY A 211 13.05 12.88 -32.45
C GLY A 211 13.13 13.17 -33.96
N SER A 212 14.02 14.09 -34.31
CA SER A 212 14.17 14.52 -35.71
C SER A 212 15.58 14.28 -36.26
N SER A 213 16.39 13.65 -35.46
CA SER A 213 17.72 13.21 -35.92
C SER A 213 17.72 11.70 -35.90
N THR A 214 17.87 11.09 -37.05
CA THR A 214 17.96 9.63 -37.15
C THR A 214 19.34 9.25 -36.62
N LEU A 215 19.57 9.77 -35.44
CA LEU A 215 20.87 9.69 -34.78
C LEU A 215 21.32 8.27 -34.39
N LEU A 216 20.46 7.21 -34.85
CA LEU A 216 21.10 5.93 -34.51
C LEU A 216 20.66 4.83 -35.48
N CYS A 217 21.71 4.29 -36.04
CA CYS A 217 21.67 3.31 -37.02
C CYS A 217 22.14 3.45 -38.34
N GLU A 218 23.15 4.28 -38.32
CA GLU A 218 23.81 4.78 -39.50
C GLU A 218 24.60 3.65 -40.15
N ASP A 219 24.10 3.25 -41.30
CA ASP A 219 24.69 2.18 -42.14
C ASP A 219 23.90 0.87 -42.02
N GLY A 220 23.15 0.74 -40.93
CA GLY A 220 22.28 -0.44 -40.68
C GLY A 220 22.81 -1.32 -39.52
N CYS A 221 21.85 -1.89 -38.79
CA CYS A 221 22.13 -2.79 -37.66
C CYS A 221 21.17 -3.99 -37.66
N LEU A 222 21.29 -4.77 -36.59
CA LEU A 222 20.50 -5.98 -36.39
C LEU A 222 19.47 -5.76 -35.27
N ALA A 223 18.41 -6.53 -35.34
CA ALA A 223 17.36 -6.38 -34.29
C ALA A 223 16.85 -7.79 -33.97
N LEU A 224 17.01 -8.20 -32.74
CA LEU A 224 16.56 -9.54 -32.24
C LEU A 224 15.16 -9.35 -31.62
N VAL A 225 14.13 -9.96 -32.16
CA VAL A 225 12.79 -9.74 -31.52
C VAL A 225 12.66 -10.76 -30.40
N ASP A 226 12.98 -10.34 -29.20
CA ASP A 226 13.02 -11.16 -27.99
C ASP A 226 11.77 -11.13 -27.17
N THR A 227 10.88 -12.11 -27.23
CA THR A 227 9.68 -11.98 -26.35
C THR A 227 10.11 -12.28 -24.91
N GLY A 228 11.35 -12.64 -24.69
CA GLY A 228 11.85 -13.03 -23.36
C GLY A 228 12.79 -12.02 -22.73
N ALA A 229 12.70 -10.81 -23.17
CA ALA A 229 13.39 -9.56 -22.81
C ALA A 229 12.37 -8.56 -22.27
N SER A 230 12.60 -7.95 -21.13
CA SER A 230 11.57 -7.05 -20.58
C SER A 230 11.65 -5.66 -21.15
N TYR A 231 12.83 -5.35 -21.66
CA TYR A 231 13.01 -3.98 -22.17
C TYR A 231 13.52 -4.00 -23.60
N ILE A 232 13.54 -2.79 -24.14
CA ILE A 232 14.15 -2.67 -25.50
C ILE A 232 15.67 -2.54 -25.22
N SER A 233 16.57 -3.23 -25.89
CA SER A 233 17.95 -2.95 -25.41
C SER A 233 18.90 -2.83 -26.58
N GLY A 234 19.99 -2.13 -26.37
CA GLY A 234 20.97 -2.03 -27.47
C GLY A 234 22.36 -1.89 -26.85
N SER A 235 23.33 -1.72 -27.72
CA SER A 235 24.74 -1.55 -27.35
C SER A 235 24.88 -0.41 -26.35
N THR A 236 25.88 -0.54 -25.49
CA THR A 236 26.13 0.49 -24.46
C THR A 236 26.31 1.85 -25.13
N SER A 237 27.11 1.79 -26.17
CA SER A 237 27.43 2.99 -26.95
C SER A 237 26.19 3.57 -27.59
N SER A 238 25.45 2.77 -28.33
CA SER A 238 24.23 3.17 -29.06
C SER A 238 23.30 3.90 -28.09
N ILE A 239 22.95 3.10 -27.10
CA ILE A 239 22.06 3.51 -26.00
C ILE A 239 22.60 4.75 -25.32
N GLU A 240 23.92 4.79 -25.27
CA GLU A 240 24.58 5.96 -24.66
C GLU A 240 24.23 7.23 -25.41
N LYS A 241 24.36 7.29 -26.72
CA LYS A 241 24.01 8.51 -27.48
C LYS A 241 22.51 8.80 -27.28
N LEU A 242 21.79 7.69 -27.38
CA LEU A 242 20.34 7.72 -27.24
C LEU A 242 19.90 8.43 -25.97
N MET A 243 20.38 7.98 -24.82
CA MET A 243 20.01 8.65 -23.56
C MET A 243 20.38 10.12 -23.59
N GLU A 244 21.57 10.48 -24.01
CA GLU A 244 22.13 11.84 -24.19
C GLU A 244 21.06 12.77 -24.79
N ALA A 245 20.34 12.22 -25.73
CA ALA A 245 19.29 12.86 -26.52
C ALA A 245 18.00 13.00 -25.76
N LEU A 246 17.61 12.00 -24.99
CA LEU A 246 16.32 12.19 -24.25
C LEU A 246 16.64 13.05 -23.00
N GLY A 247 17.90 12.94 -22.65
CA GLY A 247 18.57 13.56 -21.52
C GLY A 247 18.20 12.75 -20.27
N ALA A 248 18.80 11.59 -20.08
CA ALA A 248 18.56 10.69 -18.96
C ALA A 248 19.80 10.48 -18.13
N LYS A 249 19.76 10.28 -16.80
CA LYS A 249 20.89 10.02 -15.89
C LYS A 249 20.93 8.52 -15.54
N LYS A 250 22.14 8.00 -15.47
CA LYS A 250 22.39 6.56 -15.23
C LYS A 250 22.39 6.18 -13.71
N ARG A 251 21.81 4.98 -13.47
CA ARG A 251 21.73 4.30 -12.13
C ARG A 251 22.56 2.98 -12.20
N LEU A 252 22.46 2.10 -11.19
CA LEU A 252 23.24 0.81 -11.20
C LEU A 252 23.29 0.26 -12.61
N PHE A 253 22.22 -0.40 -12.98
CA PHE A 253 22.04 -0.93 -14.34
C PHE A 253 20.57 -0.63 -14.76
N ASP A 254 20.30 0.69 -14.79
CA ASP A 254 19.01 1.32 -15.19
C ASP A 254 19.28 2.79 -15.63
N TYR A 255 18.31 3.37 -16.33
CA TYR A 255 18.40 4.77 -16.81
C TYR A 255 17.19 5.58 -16.33
N VAL A 256 17.27 7.05 -16.09
CA VAL A 256 16.05 7.67 -15.55
C VAL A 256 15.88 9.11 -15.98
N VAL A 257 14.70 9.57 -15.61
CA VAL A 257 14.29 10.96 -15.96
C VAL A 257 13.32 11.50 -14.94
N LYS A 258 13.23 12.81 -14.78
CA LYS A 258 12.30 13.38 -13.78
C LYS A 258 10.87 13.21 -14.29
N CYS A 259 10.09 12.46 -13.53
CA CYS A 259 8.70 12.14 -13.85
C CYS A 259 7.93 13.27 -14.43
N ASN A 260 8.33 14.45 -14.00
CA ASN A 260 7.79 15.75 -14.40
C ASN A 260 7.77 15.87 -15.93
N GLU A 261 8.97 15.75 -16.47
CA GLU A 261 9.31 15.82 -17.88
C GLU A 261 9.11 14.51 -18.59
N GLY A 262 8.88 13.39 -17.90
CA GLY A 262 8.71 12.17 -18.71
C GLY A 262 7.85 12.37 -19.93
N PRO A 263 6.61 12.75 -19.71
CA PRO A 263 5.61 12.96 -20.75
C PRO A 263 6.03 14.01 -21.75
N THR A 264 7.24 14.49 -21.70
CA THR A 264 7.69 15.54 -22.63
C THR A 264 8.76 15.03 -23.57
N LEU A 265 9.36 13.89 -23.28
CA LEU A 265 10.41 13.30 -24.11
C LEU A 265 9.97 13.21 -25.57
N PRO A 266 10.87 13.08 -26.53
CA PRO A 266 10.47 13.00 -27.95
C PRO A 266 10.17 11.55 -28.33
N ASP A 267 9.52 11.35 -29.45
CA ASP A 267 9.14 10.01 -29.94
C ASP A 267 10.36 9.23 -30.41
N ILE A 268 10.41 7.95 -30.15
CA ILE A 268 11.55 7.13 -30.66
C ILE A 268 11.03 6.25 -31.79
N SER A 269 11.68 6.22 -32.93
CA SER A 269 11.17 5.49 -34.10
C SER A 269 12.14 4.41 -34.56
N PHE A 270 11.65 3.24 -34.87
CA PHE A 270 12.47 2.09 -35.33
C PHE A 270 12.14 1.76 -36.77
N HIS A 271 13.13 1.84 -37.64
CA HIS A 271 12.85 1.56 -39.05
C HIS A 271 12.93 0.09 -39.37
N LEU A 272 11.81 -0.60 -39.56
CA LEU A 272 11.86 -2.03 -39.94
C LEU A 272 11.05 -2.23 -41.23
N GLY A 273 11.68 -2.92 -42.16
CA GLY A 273 11.17 -3.28 -43.47
C GLY A 273 10.65 -2.13 -44.30
N GLY A 274 11.15 -0.93 -44.09
CA GLY A 274 10.63 0.18 -44.92
C GLY A 274 9.65 1.01 -44.11
N LYS A 275 8.90 0.31 -43.30
CA LYS A 275 7.92 1.00 -42.44
C LYS A 275 8.57 1.44 -41.15
N GLU A 276 7.98 2.39 -40.44
CA GLU A 276 8.69 2.69 -39.19
C GLU A 276 7.77 2.57 -37.99
N TYR A 277 8.20 1.70 -37.12
CA TYR A 277 7.50 1.41 -35.85
C TYR A 277 7.91 2.42 -34.80
N THR A 278 7.05 3.36 -34.46
CA THR A 278 7.33 4.42 -33.49
C THR A 278 6.87 4.05 -32.08
N LEU A 279 7.59 4.56 -31.10
CA LEU A 279 7.26 4.40 -29.68
C LEU A 279 7.13 5.83 -29.07
N THR A 280 6.01 6.14 -28.49
CA THR A 280 5.74 7.45 -27.85
C THR A 280 6.47 7.45 -26.50
N SER A 281 6.54 8.58 -25.84
CA SER A 281 7.25 8.61 -24.53
C SER A 281 6.38 7.94 -23.48
N ALA A 282 5.21 7.53 -23.92
CA ALA A 282 4.27 6.87 -22.99
C ALA A 282 4.56 5.37 -23.00
N ASP A 283 4.97 4.91 -24.15
CA ASP A 283 5.28 3.50 -24.42
C ASP A 283 6.61 3.09 -23.82
N TYR A 284 7.50 4.03 -23.58
CA TYR A 284 8.81 3.60 -23.08
C TYR A 284 9.16 4.23 -21.77
N VAL A 285 8.33 5.12 -21.27
CA VAL A 285 8.78 5.70 -19.96
C VAL A 285 7.86 5.18 -18.88
N PHE A 286 8.40 4.74 -17.78
CA PHE A 286 7.50 4.22 -16.71
C PHE A 286 6.98 5.37 -15.88
N GLN A 287 5.80 5.87 -16.18
CA GLN A 287 5.21 6.98 -15.48
C GLN A 287 4.52 6.62 -14.20
N GLU A 288 5.24 6.31 -13.15
CA GLU A 288 4.68 6.00 -11.83
C GLU A 288 4.46 7.28 -11.02
N SER A 289 4.49 8.49 -11.71
CA SER A 289 4.24 9.76 -11.01
C SER A 289 4.57 10.94 -11.94
N TYR A 290 4.69 12.11 -11.32
CA TYR A 290 4.96 13.37 -12.06
C TYR A 290 5.75 14.36 -11.21
N SER A 291 6.20 13.88 -10.07
CA SER A 291 6.97 14.68 -9.10
C SER A 291 8.31 15.08 -9.73
N SER A 292 8.99 15.97 -9.04
CA SER A 292 10.31 16.47 -9.48
C SER A 292 11.39 15.94 -8.55
N LYS A 293 10.88 15.43 -7.44
CA LYS A 293 11.69 14.85 -6.38
C LYS A 293 12.02 13.40 -6.71
N LYS A 294 11.13 12.80 -7.46
CA LYS A 294 11.25 11.39 -7.86
C LYS A 294 11.67 11.22 -9.32
N LEU A 295 12.41 10.03 -9.45
CA LEU A 295 12.92 9.63 -10.76
C LEU A 295 12.18 8.38 -11.26
N CYS A 296 11.90 8.42 -12.55
CA CYS A 296 11.20 7.34 -13.25
C CYS A 296 12.17 6.57 -14.13
N THR A 297 12.01 5.27 -14.12
CA THR A 297 12.83 4.36 -14.91
C THR A 297 12.28 4.26 -16.34
N LEU A 298 13.16 4.26 -17.32
CA LEU A 298 12.84 3.99 -18.73
C LEU A 298 12.88 2.48 -18.97
N ALA A 299 12.26 2.05 -20.05
CA ALA A 299 12.18 0.62 -20.42
C ALA A 299 13.10 0.30 -21.60
N ILE A 300 14.25 0.89 -21.53
CA ILE A 300 15.31 0.73 -22.52
C ILE A 300 16.62 0.57 -21.76
N HIS A 301 17.24 -0.57 -21.94
CA HIS A 301 18.48 -0.86 -21.25
C HIS A 301 19.62 -1.03 -22.23
N ALA A 302 20.80 -0.79 -21.73
CA ALA A 302 22.00 -0.95 -22.53
C ALA A 302 22.60 -2.32 -22.21
N MET A 303 22.74 -3.16 -23.20
CA MET A 303 23.31 -4.50 -22.96
C MET A 303 24.07 -5.01 -24.19
N ASP A 304 25.37 -5.27 -23.99
CA ASP A 304 26.26 -5.75 -25.06
C ASP A 304 26.25 -7.26 -25.10
N ILE A 305 25.63 -7.61 -26.18
CA ILE A 305 25.33 -8.95 -26.61
C ILE A 305 26.38 -9.44 -27.59
N PRO A 306 27.32 -10.34 -27.25
CA PRO A 306 28.45 -10.80 -28.08
C PRO A 306 27.96 -11.71 -29.19
N PRO A 307 28.78 -11.67 -30.23
CA PRO A 307 28.54 -12.54 -31.40
C PRO A 307 28.47 -13.99 -30.89
N PRO A 308 28.12 -14.85 -31.80
CA PRO A 308 27.85 -14.47 -33.19
C PRO A 308 26.53 -13.70 -33.29
N THR A 309 25.68 -13.94 -32.31
CA THR A 309 24.37 -13.35 -32.21
C THR A 309 24.39 -11.85 -32.22
N GLY A 310 25.08 -11.24 -31.26
CA GLY A 310 25.17 -9.75 -31.30
C GLY A 310 26.35 -9.38 -32.19
N PRO A 311 26.72 -8.12 -32.23
CA PRO A 311 25.96 -7.13 -31.44
C PRO A 311 24.59 -6.96 -32.09
N THR A 312 23.60 -6.80 -31.23
CA THR A 312 22.23 -6.65 -31.66
C THR A 312 21.41 -5.80 -30.69
N TRP A 313 20.39 -5.22 -31.30
CA TRP A 313 19.39 -4.45 -30.52
C TRP A 313 18.36 -5.55 -30.09
N ALA A 314 17.66 -5.44 -28.99
CA ALA A 314 16.71 -6.51 -28.68
C ALA A 314 15.32 -5.95 -28.55
N LEU A 315 14.41 -6.27 -29.47
CA LEU A 315 13.07 -5.68 -29.21
C LEU A 315 12.28 -6.66 -28.35
N GLY A 316 12.12 -6.28 -27.09
CA GLY A 316 11.42 -7.08 -26.09
C GLY A 316 10.12 -6.46 -25.65
N ALA A 317 9.80 -6.63 -24.38
CA ALA A 317 8.64 -6.16 -23.71
C ALA A 317 8.05 -4.87 -24.16
N THR A 318 8.85 -3.83 -24.11
CA THR A 318 8.53 -2.47 -24.41
C THR A 318 7.87 -2.24 -25.74
N PHE A 319 8.35 -2.91 -26.75
CA PHE A 319 7.97 -2.95 -28.16
C PHE A 319 6.80 -3.88 -28.40
N ILE A 320 6.85 -5.13 -27.99
CA ILE A 320 5.72 -6.04 -28.20
C ILE A 320 4.44 -5.59 -27.60
N ARG A 321 4.44 -4.64 -26.68
CA ARG A 321 3.19 -4.16 -26.09
C ARG A 321 2.39 -3.33 -27.11
N LYS A 322 3.07 -2.63 -27.98
CA LYS A 322 2.48 -1.73 -28.98
C LYS A 322 2.21 -2.44 -30.29
N PHE A 323 3.03 -3.40 -30.63
CA PHE A 323 2.85 -4.13 -31.90
C PHE A 323 2.69 -5.62 -31.69
N TYR A 324 1.51 -6.16 -31.87
CA TYR A 324 1.22 -7.62 -31.79
C TYR A 324 2.27 -8.32 -32.69
N THR A 325 2.89 -9.39 -32.31
CA THR A 325 3.94 -9.96 -33.15
C THR A 325 3.64 -11.37 -33.58
N GLU A 326 3.82 -11.62 -34.87
CA GLU A 326 3.58 -12.96 -35.43
C GLU A 326 4.90 -13.55 -35.90
N PHE A 327 5.20 -14.74 -35.45
CA PHE A 327 6.47 -15.38 -35.86
C PHE A 327 6.21 -16.41 -36.96
N ASP A 328 6.33 -15.96 -38.19
CA ASP A 328 6.10 -16.84 -39.35
C ASP A 328 7.20 -17.89 -39.42
N ARG A 329 6.84 -19.16 -39.33
CA ARG A 329 7.93 -20.15 -39.44
C ARG A 329 7.92 -20.85 -40.76
N ARG A 330 6.90 -20.60 -41.57
CA ARG A 330 6.93 -21.30 -42.86
C ARG A 330 7.77 -20.49 -43.86
N ASN A 331 7.55 -19.20 -43.82
CA ASN A 331 8.18 -18.18 -44.66
C ASN A 331 9.35 -17.53 -43.97
N ASN A 332 9.65 -17.97 -42.76
CA ASN A 332 10.81 -17.46 -42.03
C ASN A 332 10.82 -15.95 -41.91
N ARG A 333 9.75 -15.31 -41.53
CA ARG A 333 9.76 -13.83 -41.38
C ARG A 333 8.95 -13.48 -40.12
N ILE A 334 9.01 -12.24 -39.73
CA ILE A 334 8.30 -11.65 -38.58
C ILE A 334 7.28 -10.64 -39.03
N GLY A 335 6.06 -10.63 -38.51
CA GLY A 335 5.12 -9.60 -39.00
C GLY A 335 4.61 -8.82 -37.80
N PHE A 336 4.58 -7.52 -37.87
CA PHE A 336 4.13 -6.68 -36.73
C PHE A 336 2.79 -6.00 -37.09
N ALA A 337 1.94 -5.73 -36.14
CA ALA A 337 0.69 -5.00 -36.39
C ALA A 337 0.25 -4.33 -35.07
N LEU A 338 -0.44 -3.23 -35.12
CA LEU A 338 -0.90 -2.47 -33.94
C LEU A 338 -1.60 -3.37 -32.94
N ALA A 339 -1.27 -3.21 -31.66
CA ALA A 339 -2.01 -4.10 -30.73
C ALA A 339 -3.29 -3.41 -30.28
N ARG A 340 -4.17 -4.18 -29.68
CA ARG A 340 -5.44 -3.66 -29.12
C ARG A 340 -5.52 -4.09 -27.63
N THR B 6 -6.16 -4.86 41.53
CA THR B 6 -5.77 -5.25 40.18
C THR B 6 -5.56 -4.02 39.30
N THR B 7 -4.88 -4.21 38.19
CA THR B 7 -4.72 -3.06 37.27
C THR B 7 -4.92 -3.47 35.84
N SER B 8 -5.75 -2.82 35.04
CA SER B 8 -5.84 -3.32 33.66
C SER B 8 -5.61 -2.28 32.63
N SER B 9 -4.86 -2.60 31.58
CA SER B 9 -4.62 -1.51 30.62
C SER B 9 -5.10 -1.91 29.23
N VAL B 10 -5.59 -0.89 28.56
CA VAL B 10 -6.13 -1.03 27.19
C VAL B 10 -5.18 -0.26 26.24
N ILE B 11 -4.63 -0.89 25.25
CA ILE B 11 -3.71 -0.25 24.31
C ILE B 11 -4.41 0.49 23.19
N LEU B 12 -4.01 1.72 22.90
CA LEU B 12 -4.66 2.53 21.86
C LEU B 12 -3.78 2.58 20.58
N THR B 13 -4.49 2.98 19.55
CA THR B 13 -4.00 3.18 18.19
C THR B 13 -3.98 4.65 17.83
N ASN B 14 -2.91 5.15 17.22
CA ASN B 14 -2.89 6.58 16.89
C ASN B 14 -3.04 6.76 15.38
N TYR B 15 -4.07 7.44 14.99
CA TYR B 15 -4.36 7.74 13.57
C TYR B 15 -4.16 9.23 13.34
N MET B 16 -2.99 9.56 12.84
CA MET B 16 -2.62 10.91 12.55
C MET B 16 -2.83 11.88 13.66
N ASP B 17 -2.49 11.51 14.89
CA ASP B 17 -2.58 12.44 16.00
C ASP B 17 -3.92 13.09 16.15
N THR B 18 -5.01 12.56 15.61
CA THR B 18 -6.27 13.29 15.87
C THR B 18 -7.36 12.33 16.34
N GLN B 19 -7.10 11.04 16.30
CA GLN B 19 -7.94 9.91 16.65
C GLN B 19 -7.08 8.81 17.33
N TYR B 20 -7.36 8.50 18.57
CA TYR B 20 -6.78 7.50 19.46
C TYR B 20 -7.89 6.51 19.87
N TYR B 21 -7.88 5.27 19.38
CA TYR B 21 -8.97 4.36 19.75
C TYR B 21 -8.49 3.03 20.21
N GLY B 22 -9.16 2.44 21.19
CA GLY B 22 -8.76 1.11 21.69
C GLY B 22 -9.79 0.08 21.30
N GLU B 23 -9.79 -1.09 21.92
CA GLU B 23 -10.80 -2.08 21.46
C GLU B 23 -11.58 -2.67 22.62
N ILE B 24 -12.89 -2.73 22.52
CA ILE B 24 -13.69 -3.37 23.59
C ILE B 24 -14.55 -4.47 22.96
N GLY B 25 -14.99 -5.42 23.78
CA GLY B 25 -15.82 -6.46 23.15
C GLY B 25 -17.21 -6.46 23.77
N ILE B 26 -18.20 -6.55 22.90
CA ILE B 26 -19.60 -6.58 23.40
C ILE B 26 -20.27 -7.90 23.06
N GLY B 27 -20.87 -8.55 24.04
CA GLY B 27 -21.59 -9.77 23.73
C GLY B 27 -20.93 -11.08 24.06
N THR B 28 -21.61 -12.09 23.55
CA THR B 28 -21.25 -13.49 23.69
C THR B 28 -21.79 -14.32 22.52
N PRO B 29 -20.93 -14.78 21.67
CA PRO B 29 -19.49 -14.47 21.79
C PRO B 29 -19.32 -12.96 21.59
N PRO B 30 -18.24 -12.39 22.08
CA PRO B 30 -17.95 -10.96 22.00
C PRO B 30 -17.81 -10.48 20.57
N GLN B 31 -18.37 -9.32 20.31
CA GLN B 31 -18.32 -8.61 19.01
C GLN B 31 -17.38 -7.41 19.21
N THR B 32 -16.25 -7.45 18.55
CA THR B 32 -15.19 -6.47 18.68
C THR B 32 -15.46 -5.16 18.05
N PHE B 33 -15.19 -4.08 18.78
CA PHE B 33 -15.44 -2.72 18.25
C PHE B 33 -14.26 -1.82 18.63
N LYS B 34 -13.93 -0.93 17.74
CA LYS B 34 -12.85 0.08 17.91
C LYS B 34 -13.49 1.30 18.57
N VAL B 35 -12.99 1.79 19.70
CA VAL B 35 -13.70 2.96 20.28
C VAL B 35 -12.70 3.99 20.79
N VAL B 36 -13.20 5.17 21.08
CA VAL B 36 -12.46 6.32 21.62
C VAL B 36 -12.80 6.49 23.10
N PHE B 37 -11.86 6.55 24.04
CA PHE B 37 -12.28 6.68 25.48
C PHE B 37 -12.25 8.17 25.85
N ASP B 38 -13.38 8.77 25.92
CA ASP B 38 -13.99 10.03 26.08
C ASP B 38 -14.18 10.60 27.44
N THR B 39 -13.33 11.48 27.98
CA THR B 39 -13.64 12.03 29.30
C THR B 39 -14.64 13.15 29.22
N GLY B 40 -15.24 13.40 28.06
CA GLY B 40 -16.20 14.49 27.90
C GLY B 40 -17.64 14.03 27.98
N SER B 41 -17.88 12.74 27.81
CA SER B 41 -19.23 12.18 27.85
C SER B 41 -19.36 11.10 28.89
N SER B 42 -20.44 10.34 28.94
CA SER B 42 -20.55 9.31 29.99
C SER B 42 -21.34 8.12 29.51
N ASN B 43 -21.80 8.25 28.27
CA ASN B 43 -22.56 7.09 27.72
C ASN B 43 -21.60 6.23 26.90
N VAL B 44 -21.93 5.01 26.61
CA VAL B 44 -21.10 4.08 25.79
C VAL B 44 -21.90 3.73 24.53
N TRP B 45 -21.38 3.89 23.33
CA TRP B 45 -22.23 3.53 22.19
C TRP B 45 -21.41 2.88 21.09
N VAL B 46 -22.04 2.12 20.24
CA VAL B 46 -21.47 1.42 19.06
C VAL B 46 -22.54 1.40 17.96
N PRO B 47 -22.27 1.35 16.67
CA PRO B 47 -23.42 1.35 15.72
C PRO B 47 -24.19 0.05 15.84
N SER B 48 -25.43 0.04 15.37
CA SER B 48 -26.26 -1.17 15.47
C SER B 48 -26.80 -1.57 14.11
N SER B 49 -27.06 -2.85 13.97
CA SER B 49 -27.60 -3.51 12.78
C SER B 49 -28.85 -2.82 12.27
N LYS B 50 -29.63 -2.31 13.20
CA LYS B 50 -30.85 -1.61 12.81
C LYS B 50 -30.53 -0.25 12.22
N CYS B 51 -29.25 0.00 12.00
CA CYS B 51 -28.89 1.30 11.40
C CYS B 51 -29.07 1.21 9.88
N SER B 52 -29.95 2.05 9.36
CA SER B 52 -30.29 2.14 7.94
C SER B 52 -29.05 2.42 7.10
N ARG B 53 -28.83 1.59 6.09
CA ARG B 53 -27.70 1.67 5.17
C ARG B 53 -27.69 2.91 4.34
N LEU B 54 -28.71 3.76 4.49
CA LEU B 54 -28.70 5.06 3.78
C LEU B 54 -27.73 6.01 4.50
N TYR B 55 -27.56 5.74 5.77
CA TYR B 55 -26.53 6.48 6.61
C TYR B 55 -25.19 5.83 6.19
N THR B 56 -24.46 6.44 5.30
CA THR B 56 -23.22 5.82 4.79
C THR B 56 -22.27 5.43 5.88
N ALA B 57 -22.46 6.08 7.02
CA ALA B 57 -21.55 5.77 8.13
C ALA B 57 -21.71 4.35 8.61
N CYS B 58 -22.93 3.84 8.63
CA CYS B 58 -23.27 2.50 9.08
C CYS B 58 -22.84 1.42 8.12
N VAL B 59 -22.49 1.85 6.93
CA VAL B 59 -22.01 0.91 5.90
C VAL B 59 -20.49 0.82 5.99
N TYR B 60 -19.89 1.81 6.62
CA TYR B 60 -18.43 1.85 6.75
C TYR B 60 -17.95 1.42 8.11
N HIS B 61 -18.79 1.16 9.09
CA HIS B 61 -18.41 0.74 10.45
C HIS B 61 -18.98 -0.59 10.85
N LYS B 62 -18.40 -1.14 11.91
CA LYS B 62 -18.86 -2.45 12.41
C LYS B 62 -20.14 -2.32 13.18
N LEU B 63 -21.13 -3.18 12.93
CA LEU B 63 -22.40 -3.02 13.63
C LEU B 63 -22.63 -4.06 14.70
N PHE B 64 -23.34 -3.71 15.77
CA PHE B 64 -23.63 -4.65 16.86
C PHE B 64 -24.90 -5.46 16.61
N ASP B 65 -24.83 -6.78 16.58
CA ASP B 65 -26.04 -7.61 16.38
C ASP B 65 -26.52 -8.17 17.71
N ALA B 66 -27.67 -7.84 18.24
CA ALA B 66 -27.99 -8.49 19.53
C ALA B 66 -28.51 -9.90 19.31
N SER B 67 -28.80 -10.20 18.04
CA SER B 67 -29.33 -11.54 17.76
C SER B 67 -28.19 -12.56 17.74
N ASP B 68 -26.97 -12.07 17.72
CA ASP B 68 -25.79 -12.94 17.69
C ASP B 68 -25.09 -12.94 19.03
N SER B 69 -25.80 -12.36 19.99
CA SER B 69 -25.25 -12.32 21.34
C SER B 69 -26.27 -12.90 22.31
N SER B 70 -25.78 -13.87 23.06
CA SER B 70 -26.67 -14.52 24.02
C SER B 70 -26.64 -13.86 25.38
N SER B 71 -25.89 -12.79 25.62
CA SER B 71 -25.94 -12.26 27.01
C SER B 71 -26.80 -11.00 27.03
N TYR B 72 -27.28 -10.63 25.88
CA TYR B 72 -28.02 -9.47 25.49
C TYR B 72 -29.37 -9.30 26.08
N LYS B 73 -29.66 -8.20 26.76
CA LYS B 73 -31.04 -8.04 27.28
C LYS B 73 -31.62 -6.73 26.72
N HIS B 74 -32.84 -6.84 26.28
CA HIS B 74 -33.66 -5.77 25.71
C HIS B 74 -33.68 -4.59 26.70
N ASN B 75 -34.12 -3.48 26.20
CA ASN B 75 -34.36 -2.16 26.79
C ASN B 75 -34.74 -1.22 25.67
N GLY B 76 -35.83 -0.47 25.74
CA GLY B 76 -36.12 0.28 24.50
C GLY B 76 -35.54 1.67 24.46
N THR B 77 -35.51 2.32 25.59
CA THR B 77 -35.09 3.64 25.87
C THR B 77 -34.37 4.39 24.82
N GLU B 78 -34.98 5.43 24.25
CA GLU B 78 -34.33 6.18 23.19
C GLU B 78 -33.18 7.02 23.72
N LEU B 79 -32.20 7.23 22.88
CA LEU B 79 -31.01 8.02 23.27
C LEU B 79 -30.63 8.98 22.12
N THR B 80 -30.28 10.17 22.51
CA THR B 80 -29.74 11.20 21.63
C THR B 80 -28.48 11.77 22.23
N LEU B 81 -27.32 11.26 21.84
CA LEU B 81 -26.15 11.88 22.53
C LEU B 81 -25.74 13.14 21.85
N ARG B 82 -25.58 14.28 22.51
CA ARG B 82 -25.22 15.45 21.68
C ARG B 82 -23.80 15.90 21.86
N TYR B 83 -22.86 15.42 21.05
CA TYR B 83 -21.47 15.89 21.24
C TYR B 83 -21.34 17.30 20.70
N SER B 84 -20.19 17.96 20.88
CA SER B 84 -20.13 19.31 20.32
C SER B 84 -19.77 19.27 18.86
N THR B 85 -19.23 18.16 18.38
CA THR B 85 -18.91 18.07 16.96
C THR B 85 -19.91 17.24 16.20
N GLY B 86 -20.50 16.26 16.85
CA GLY B 86 -21.49 15.51 16.04
C GLY B 86 -22.63 15.03 16.94
N THR B 87 -23.64 14.46 16.32
CA THR B 87 -24.80 13.94 17.05
C THR B 87 -25.14 12.54 16.57
N VAL B 88 -25.66 11.73 17.49
CA VAL B 88 -26.06 10.35 17.18
C VAL B 88 -27.31 9.97 17.96
N SER B 89 -28.07 9.03 17.45
CA SER B 89 -29.34 8.67 18.16
C SER B 89 -29.56 7.17 18.09
N GLY B 90 -30.24 6.60 19.07
CA GLY B 90 -30.47 5.14 19.07
C GLY B 90 -31.23 4.70 20.31
N PHE B 91 -31.04 3.49 20.80
CA PHE B 91 -31.80 3.07 21.99
C PHE B 91 -30.93 2.31 22.96
N LEU B 92 -31.32 2.23 24.22
CA LEU B 92 -30.56 1.54 25.25
C LEU B 92 -30.55 0.03 25.04
N SER B 93 -29.47 -0.60 25.43
CA SER B 93 -29.34 -2.07 25.30
C SER B 93 -28.52 -2.61 26.46
N GLN B 94 -28.62 -3.89 26.75
CA GLN B 94 -27.80 -4.42 27.83
C GLN B 94 -27.04 -5.65 27.37
N ASP B 95 -25.79 -5.69 27.79
CA ASP B 95 -25.00 -6.89 27.44
C ASP B 95 -23.72 -6.88 28.27
N ILE B 96 -22.83 -7.84 28.09
CA ILE B 96 -21.60 -7.76 28.90
C ILE B 96 -20.46 -7.21 28.05
N ILE B 97 -19.84 -6.14 28.48
CA ILE B 97 -18.72 -5.53 27.73
C ILE B 97 -17.40 -6.03 28.33
N THR B 98 -16.35 -6.20 27.55
CA THR B 98 -15.04 -6.64 28.10
C THR B 98 -14.04 -5.50 27.83
N VAL B 99 -13.48 -4.87 28.83
CA VAL B 99 -12.53 -3.77 28.57
C VAL B 99 -11.16 -4.12 29.09
N GLY B 100 -10.33 -4.56 28.17
CA GLY B 100 -8.97 -4.91 28.57
C GLY B 100 -8.94 -5.79 29.79
N GLY B 101 -9.40 -7.02 29.60
CA GLY B 101 -9.37 -7.96 30.72
C GLY B 101 -10.66 -7.93 31.51
N ILE B 102 -10.93 -6.85 32.21
CA ILE B 102 -12.18 -6.73 32.97
C ILE B 102 -13.42 -7.02 32.12
N THR B 103 -14.41 -7.59 32.78
CA THR B 103 -15.70 -7.92 32.17
C THR B 103 -16.79 -7.17 32.95
N VAL B 104 -17.60 -6.38 32.31
CA VAL B 104 -18.59 -5.66 33.17
C VAL B 104 -19.97 -5.79 32.53
N THR B 105 -21.05 -5.95 33.29
CA THR B 105 -22.34 -5.97 32.53
C THR B 105 -22.69 -4.49 32.26
N GLN B 106 -22.81 -4.09 31.02
CA GLN B 106 -23.05 -2.66 30.78
C GLN B 106 -24.21 -2.44 29.84
N MET B 107 -24.85 -1.32 30.09
CA MET B 107 -25.99 -0.82 29.29
C MET B 107 -25.42 0.16 28.25
N PHE B 108 -25.52 -0.14 26.97
CA PHE B 108 -24.96 0.84 26.02
C PHE B 108 -26.00 1.35 25.08
N GLY B 109 -25.62 2.06 24.02
CA GLY B 109 -26.72 2.50 23.16
C GLY B 109 -26.53 1.93 21.78
N GLU B 110 -27.60 1.42 21.17
CA GLU B 110 -27.38 0.94 19.77
C GLU B 110 -27.67 2.13 18.87
N VAL B 111 -26.66 2.74 18.27
CA VAL B 111 -26.97 3.90 17.45
C VAL B 111 -27.60 3.53 16.14
N THR B 112 -28.59 4.31 15.71
CA THR B 112 -29.28 3.93 14.44
C THR B 112 -29.22 5.12 13.49
N GLU B 113 -28.81 6.21 14.11
CA GLU B 113 -28.64 7.44 13.32
C GLU B 113 -27.25 8.00 13.47
N MET B 114 -26.52 7.99 12.37
CA MET B 114 -25.10 8.46 12.43
C MET B 114 -24.85 9.40 11.25
N PRO B 115 -24.70 10.68 11.45
CA PRO B 115 -24.46 11.60 10.33
C PRO B 115 -23.10 11.37 9.70
N ALA B 116 -22.96 11.38 8.37
CA ALA B 116 -21.63 11.17 7.76
C ALA B 116 -20.65 12.22 8.22
N LEU B 117 -21.05 13.48 8.40
CA LEU B 117 -20.03 14.40 8.96
C LEU B 117 -20.28 14.46 10.49
N PRO B 118 -19.35 14.05 11.28
CA PRO B 118 -17.99 13.62 11.00
C PRO B 118 -17.83 12.12 10.94
N PHE B 119 -18.77 11.32 11.39
CA PHE B 119 -18.72 9.89 11.43
C PHE B 119 -18.06 9.19 10.32
N MET B 120 -18.08 9.75 9.14
CA MET B 120 -17.50 9.18 7.92
C MET B 120 -15.98 9.37 7.91
N LEU B 121 -15.44 10.20 8.74
CA LEU B 121 -14.03 10.56 8.91
C LEU B 121 -13.41 9.70 10.04
N ALA B 122 -14.26 9.03 10.78
CA ALA B 122 -13.83 8.26 11.93
C ALA B 122 -13.33 6.87 11.61
N GLU B 123 -12.14 6.55 12.07
CA GLU B 123 -11.53 5.22 11.94
C GLU B 123 -12.10 4.29 13.02
N PHE B 124 -12.71 4.84 14.06
CA PHE B 124 -13.27 4.03 15.15
C PHE B 124 -14.73 3.75 14.94
N ASP B 125 -15.41 2.94 15.74
CA ASP B 125 -16.84 2.68 15.51
C ASP B 125 -17.71 3.42 16.48
N GLY B 126 -17.25 3.51 17.73
CA GLY B 126 -18.06 4.15 18.75
C GLY B 126 -17.30 4.91 19.80
N VAL B 127 -17.89 4.99 20.99
CA VAL B 127 -17.27 5.79 22.05
C VAL B 127 -17.59 5.23 23.43
N VAL B 128 -16.68 5.42 24.36
CA VAL B 128 -16.93 5.00 25.74
C VAL B 128 -16.74 6.20 26.66
N GLY B 129 -17.78 6.74 27.29
CA GLY B 129 -17.63 7.89 28.17
C GLY B 129 -16.97 7.59 29.50
N MET B 130 -15.97 8.36 29.91
CA MET B 130 -15.33 8.09 31.21
C MET B 130 -15.64 9.23 32.19
N GLY B 131 -16.76 9.86 31.96
CA GLY B 131 -17.30 10.97 32.72
C GLY B 131 -18.18 10.52 33.88
N PHE B 132 -18.61 11.49 34.67
CA PHE B 132 -19.44 11.16 35.83
C PHE B 132 -20.86 10.84 35.43
N ILE B 133 -21.56 10.21 36.33
CA ILE B 133 -22.98 9.87 36.02
C ILE B 133 -23.82 11.12 36.03
N GLU B 134 -23.28 12.31 35.83
CA GLU B 134 -24.29 13.41 35.93
C GLU B 134 -24.46 14.05 34.57
N GLN B 135 -23.42 13.80 33.79
CA GLN B 135 -23.49 14.31 32.38
C GLN B 135 -24.05 13.09 31.57
N ALA B 136 -24.26 12.04 32.37
CA ALA B 136 -24.75 10.76 31.86
C ALA B 136 -26.12 10.85 31.26
N ILE B 137 -26.21 10.82 29.92
CA ILE B 137 -27.58 10.96 29.40
C ILE B 137 -28.40 9.72 29.68
N GLY B 138 -29.55 9.94 30.27
CA GLY B 138 -30.52 8.93 30.69
C GLY B 138 -30.13 8.28 32.01
N ARG B 139 -29.36 8.95 32.85
CA ARG B 139 -28.90 8.46 34.14
C ARG B 139 -28.35 7.06 34.06
N VAL B 140 -27.97 6.60 32.87
CA VAL B 140 -27.43 5.23 32.88
C VAL B 140 -25.98 5.23 33.36
N THR B 141 -25.74 4.50 34.43
CA THR B 141 -24.46 4.31 35.08
C THR B 141 -23.33 4.07 34.09
N PRO B 142 -22.33 4.91 34.14
CA PRO B 142 -21.11 4.94 33.36
C PRO B 142 -20.28 3.68 33.49
N ILE B 143 -19.48 3.34 32.49
CA ILE B 143 -18.73 2.08 32.64
C ILE B 143 -17.70 2.14 33.73
N PHE B 144 -17.08 3.29 34.00
CA PHE B 144 -16.05 3.23 35.07
C PHE B 144 -16.67 2.93 36.41
N ASP B 145 -17.80 3.55 36.67
CA ASP B 145 -18.54 3.34 37.92
C ASP B 145 -18.84 1.86 38.13
N ASN B 146 -19.20 1.13 37.09
CA ASN B 146 -19.46 -0.29 37.27
C ASN B 146 -18.20 -1.06 37.62
N ILE B 147 -17.10 -0.78 36.94
CA ILE B 147 -15.85 -1.51 37.26
C ILE B 147 -15.44 -1.27 38.69
N ILE B 148 -15.69 -0.02 39.09
CA ILE B 148 -15.41 0.37 40.49
C ILE B 148 -16.23 -0.55 41.41
N SER B 149 -17.53 -0.52 41.29
CA SER B 149 -18.50 -1.33 42.03
C SER B 149 -18.07 -2.77 42.13
N GLN B 150 -17.40 -3.22 41.09
CA GLN B 150 -17.02 -4.64 41.11
C GLN B 150 -15.99 -4.93 42.20
N GLY B 151 -15.20 -3.94 42.53
CA GLY B 151 -14.14 -4.08 43.54
C GLY B 151 -13.01 -4.92 42.99
N VAL B 152 -12.38 -4.44 41.92
CA VAL B 152 -11.28 -5.31 41.42
C VAL B 152 -10.03 -4.51 41.19
N LEU B 153 -10.20 -3.25 40.82
CA LEU B 153 -9.07 -2.34 40.57
C LEU B 153 -8.24 -2.13 41.84
N LYS B 154 -7.08 -1.56 41.71
CA LYS B 154 -6.17 -1.30 42.84
C LYS B 154 -6.30 0.14 43.32
N GLU B 155 -6.99 0.95 42.55
CA GLU B 155 -7.17 2.39 42.80
C GLU B 155 -8.36 2.92 42.01
N ASP B 156 -9.12 3.80 42.61
CA ASP B 156 -10.29 4.38 41.92
C ASP B 156 -9.83 5.48 40.97
N VAL B 157 -8.96 5.12 40.05
CA VAL B 157 -8.43 6.05 39.04
C VAL B 157 -8.20 5.35 37.70
N PHE B 158 -7.73 6.11 36.74
CA PHE B 158 -7.33 5.74 35.39
C PHE B 158 -6.53 6.82 34.71
N SER B 159 -5.55 6.48 33.91
CA SER B 159 -4.71 7.46 33.22
C SER B 159 -4.68 7.26 31.72
N PHE B 160 -4.25 8.27 31.00
CA PHE B 160 -4.12 8.33 29.55
C PHE B 160 -2.69 8.63 29.12
N TYR B 161 -2.28 7.99 28.07
CA TYR B 161 -0.94 8.27 27.48
C TYR B 161 -1.14 8.41 25.98
N TYR B 162 -0.79 9.54 25.43
CA TYR B 162 -0.95 9.71 23.98
C TYR B 162 0.43 9.86 23.34
N ASN B 163 0.64 9.08 22.28
CA ASN B 163 1.98 9.14 21.69
C ASN B 163 1.97 10.06 20.45
N ARG B 164 3.18 10.34 19.94
CA ARG B 164 3.41 11.20 18.74
C ARG B 164 3.84 10.30 17.51
N ASP B 165 2.78 9.76 16.84
CA ASP B 165 2.74 8.77 15.65
C ASP B 165 3.98 7.85 15.46
N SER B 166 4.17 7.52 14.20
CA SER B 166 5.21 6.65 13.68
C SER B 166 5.08 6.78 12.15
N GLU B 167 6.08 6.26 11.48
CA GLU B 167 6.27 6.42 10.04
C GLU B 167 7.74 6.82 9.94
N LEU B 172 4.32 1.87 19.87
CA LEU B 172 2.85 1.85 20.35
C LEU B 172 2.17 3.27 20.32
N GLY B 173 0.88 3.28 19.93
CA GLY B 173 0.08 4.52 19.77
C GLY B 173 -0.05 5.28 21.10
N GLY B 174 -0.54 4.53 22.12
CA GLY B 174 -0.99 5.24 23.34
C GLY B 174 -1.53 4.19 24.28
N GLN B 175 -1.97 4.60 25.46
CA GLN B 175 -2.48 3.51 26.32
C GLN B 175 -3.20 4.07 27.53
N ILE B 176 -4.30 3.46 27.89
CA ILE B 176 -5.20 3.75 29.02
C ILE B 176 -4.97 2.69 30.12
N VAL B 177 -4.79 3.07 31.35
CA VAL B 177 -4.60 2.05 32.43
C VAL B 177 -5.69 2.20 33.48
N LEU B 178 -6.60 1.27 33.62
CA LEU B 178 -7.65 1.38 34.65
C LEU B 178 -7.10 0.91 36.01
N GLY B 179 -7.10 1.75 37.02
CA GLY B 179 -6.61 1.34 38.36
C GLY B 179 -5.27 1.90 38.72
N GLY B 180 -4.72 2.75 37.87
CA GLY B 180 -3.42 3.31 38.18
C GLY B 180 -2.66 3.95 37.05
N SER B 181 -1.34 4.05 37.22
CA SER B 181 -0.51 4.70 36.22
C SER B 181 0.65 3.83 35.80
N ASP B 182 1.22 4.14 34.65
CA ASP B 182 2.37 3.29 34.24
C ASP B 182 3.64 4.13 34.28
N PRO B 183 4.52 3.89 35.22
CA PRO B 183 5.72 4.75 35.28
C PRO B 183 6.59 4.61 34.09
N GLN B 184 6.14 3.88 33.07
CA GLN B 184 7.12 3.88 31.93
C GLN B 184 6.84 5.06 31.01
N HIS B 185 5.66 5.62 31.11
CA HIS B 185 5.27 6.69 30.19
C HIS B 185 5.24 8.03 30.86
N TYR B 186 5.93 8.14 31.98
CA TYR B 186 5.90 9.46 32.60
C TYR B 186 7.11 9.75 33.42
N GLU B 187 7.41 11.04 33.59
CA GLU B 187 8.60 11.21 34.43
C GLU B 187 8.47 12.35 35.40
N GLY B 188 9.12 12.18 36.53
CA GLY B 188 9.08 13.19 37.61
C GLY B 188 7.89 12.88 38.51
N ASN B 189 7.36 13.95 39.09
CA ASN B 189 6.24 13.82 40.01
C ASN B 189 4.92 14.30 39.42
N PHE B 190 3.86 13.60 39.80
CA PHE B 190 2.53 14.05 39.37
C PHE B 190 2.20 15.33 40.16
N HIS B 191 1.36 16.16 39.64
CA HIS B 191 0.90 17.37 40.34
C HIS B 191 -0.60 17.53 40.10
N TYR B 192 -1.37 17.41 41.15
CA TYR B 192 -2.81 17.47 41.15
C TYR B 192 -3.44 18.82 41.14
N ILE B 193 -4.60 18.84 40.51
CA ILE B 193 -5.41 20.08 40.46
C ILE B 193 -6.85 19.71 40.82
N ASN B 194 -7.46 20.25 41.85
CA ASN B 194 -8.81 19.78 42.16
C ASN B 194 -9.85 20.23 41.19
N LEU B 195 -10.82 19.33 41.02
CA LEU B 195 -11.96 19.62 40.12
C LEU B 195 -12.73 20.84 40.73
N ILE B 196 -13.12 21.86 39.98
CA ILE B 196 -13.92 22.92 40.61
C ILE B 196 -15.29 22.35 41.01
N LYS B 197 -15.99 21.84 40.01
CA LYS B 197 -17.30 21.23 40.36
C LYS B 197 -17.18 19.71 40.27
N THR B 198 -18.10 18.96 40.84
CA THR B 198 -17.99 17.51 40.64
C THR B 198 -19.05 17.07 39.63
N GLY B 199 -18.66 16.06 38.88
CA GLY B 199 -19.57 15.53 37.84
C GLY B 199 -19.05 16.02 36.50
N VAL B 200 -17.87 16.60 36.55
CA VAL B 200 -17.25 17.09 35.30
C VAL B 200 -15.75 17.20 35.46
N TRP B 201 -15.05 16.60 34.52
CA TRP B 201 -13.56 16.66 34.61
C TRP B 201 -13.12 18.05 34.18
N GLN B 202 -13.42 19.02 35.05
CA GLN B 202 -13.12 20.42 34.74
C GLN B 202 -12.33 21.05 35.86
N ILE B 203 -11.39 21.90 35.47
CA ILE B 203 -10.53 22.56 36.46
C ILE B 203 -10.41 24.04 36.12
N GLN B 204 -9.98 24.86 37.04
CA GLN B 204 -9.85 26.30 36.75
C GLN B 204 -8.45 26.56 36.14
N MET B 205 -8.43 27.52 35.26
CA MET B 205 -7.24 28.00 34.55
C MET B 205 -7.00 29.47 34.91
N LYS B 206 -5.85 29.80 35.43
CA LYS B 206 -5.58 31.20 35.83
C LYS B 206 -4.67 31.85 34.80
N GLY B 207 -5.00 31.67 33.54
CA GLY B 207 -4.64 32.41 32.33
C GLY B 207 -3.72 31.57 31.44
N VAL B 208 -3.77 31.97 30.17
CA VAL B 208 -2.97 31.39 29.08
C VAL B 208 -1.97 32.44 28.62
N SER B 209 -0.71 32.06 28.55
CA SER B 209 0.35 33.03 28.21
C SER B 209 0.92 32.82 26.81
N VAL B 210 0.72 33.86 26.01
CA VAL B 210 1.24 33.93 24.65
C VAL B 210 2.58 34.63 24.68
N GLY B 211 3.62 33.83 24.62
CA GLY B 211 4.99 34.32 24.64
C GLY B 211 5.30 35.00 25.98
N SER B 212 5.27 36.32 25.97
CA SER B 212 5.61 37.11 27.17
C SER B 212 4.45 38.01 27.63
N SER B 213 3.33 37.88 26.97
CA SER B 213 2.11 38.56 27.41
C SER B 213 1.12 37.47 27.81
N THR B 214 0.75 37.47 29.08
CA THR B 214 -0.25 36.53 29.57
C THR B 214 -1.59 37.01 29.04
N LEU B 215 -1.57 37.21 27.75
CA LEU B 215 -2.68 37.81 27.02
C LEU B 215 -3.99 37.00 27.01
N LEU B 216 -3.97 35.82 27.84
CA LEU B 216 -5.31 35.24 27.81
C LEU B 216 -5.59 34.44 29.09
N CYS B 217 -6.66 34.89 29.68
CA CYS B 217 -7.15 34.43 30.90
C CYS B 217 -7.26 35.21 32.06
N GLU B 218 -7.48 36.45 31.73
CA GLU B 218 -7.51 37.56 32.64
C GLU B 218 -8.77 37.44 33.50
N ASP B 219 -8.51 37.16 34.77
CA ASP B 219 -9.54 37.03 35.82
C ASP B 219 -9.81 35.54 36.16
N GLY B 220 -9.47 34.66 35.22
CA GLY B 220 -9.61 33.20 35.39
C GLY B 220 -10.70 32.60 34.49
N CYS B 221 -10.45 31.37 34.05
CA CYS B 221 -11.38 30.60 33.19
C CYS B 221 -11.43 29.13 33.63
N LEU B 222 -12.15 28.37 32.82
CA LEU B 222 -12.36 26.93 33.04
C LEU B 222 -11.59 26.12 32.00
N ALA B 223 -11.28 24.90 32.38
CA ALA B 223 -10.52 24.03 31.45
C ALA B 223 -11.09 22.61 31.59
N LEU B 224 -11.62 22.09 30.51
CA LEU B 224 -12.20 20.72 30.46
C LEU B 224 -11.11 19.76 29.95
N VAL B 225 -10.66 18.81 30.74
CA VAL B 225 -9.59 17.92 30.19
C VAL B 225 -10.28 16.81 29.42
N ASP B 226 -10.40 16.98 28.12
CA ASP B 226 -11.10 16.09 27.20
C ASP B 226 -10.23 15.07 26.53
N THR B 227 -10.18 13.82 26.94
CA THR B 227 -9.31 12.89 26.19
C THR B 227 -9.99 12.56 24.84
N GLY B 228 -11.19 13.05 24.63
CA GLY B 228 -11.98 12.75 23.42
C GLY B 228 -12.10 13.90 22.44
N ALA B 229 -11.20 14.83 22.53
CA ALA B 229 -10.95 16.04 21.77
C ALA B 229 -9.60 15.94 21.06
N SER B 230 -9.51 16.21 19.77
CA SER B 230 -8.22 16.03 19.10
C SER B 230 -7.31 17.21 19.24
N TYR B 231 -7.93 18.34 19.53
CA TYR B 231 -7.12 19.57 19.60
C TYR B 231 -7.35 20.28 20.93
N ILE B 232 -6.52 21.30 21.10
CA ILE B 232 -6.75 22.15 22.30
C ILE B 232 -7.83 23.16 21.87
N SER B 233 -8.87 23.43 22.60
CA SER B 233 -9.78 24.40 21.94
C SER B 233 -10.28 25.43 22.93
N GLY B 234 -10.68 26.58 22.43
CA GLY B 234 -11.22 27.59 23.36
C GLY B 234 -12.24 28.42 22.60
N SER B 235 -12.76 29.41 23.29
CA SER B 235 -13.75 30.36 22.76
C SER B 235 -13.24 30.97 21.46
N THR B 236 -14.18 31.30 20.59
CA THR B 236 -13.82 31.91 19.28
C THR B 236 -13.00 33.17 19.52
N SER B 237 -13.52 33.94 20.45
CA SER B 237 -12.89 35.20 20.84
C SER B 237 -11.50 34.99 21.41
N SER B 238 -11.38 34.13 22.40
CA SER B 238 -10.11 33.83 23.10
C SER B 238 -9.05 33.46 22.05
N ILE B 239 -9.42 32.40 21.37
CA ILE B 239 -8.62 31.80 20.29
C ILE B 239 -8.30 32.85 19.23
N GLU B 240 -9.28 33.73 19.05
CA GLU B 240 -9.09 34.82 18.08
C GLU B 240 -7.91 35.69 18.46
N LYS B 241 -7.82 36.17 19.69
CA LYS B 241 -6.66 37.02 20.09
C LYS B 241 -5.38 36.20 19.96
N LEU B 242 -5.54 34.97 20.44
CA LEU B 242 -4.45 34.01 20.43
C LEU B 242 -3.81 33.87 19.06
N MET B 243 -4.60 33.56 18.04
CA MET B 243 -4.04 33.44 16.69
C MET B 243 -3.36 34.72 16.26
N GLU B 244 -3.96 35.87 16.46
CA GLU B 244 -3.49 37.23 16.19
C GLU B 244 -2.01 37.37 16.59
N ALA B 245 -1.71 36.77 17.72
CA ALA B 245 -0.42 36.75 18.39
C ALA B 245 0.56 35.81 17.74
N LEU B 246 0.11 34.63 17.33
CA LEU B 246 1.11 33.72 16.68
C LEU B 246 1.28 34.20 15.22
N GLY B 247 0.23 34.85 14.80
CA GLY B 247 -0.01 35.41 13.48
C GLY B 247 -0.42 34.26 12.56
N ALA B 248 -1.64 33.78 12.65
CA ALA B 248 -2.17 32.67 11.86
C ALA B 248 -3.35 33.11 11.01
N LYS B 249 -3.59 32.57 9.80
CA LYS B 249 -4.73 32.87 8.90
C LYS B 249 -5.76 31.75 8.99
N LYS B 250 -7.02 32.14 8.95
CA LYS B 250 -8.17 31.22 9.11
C LYS B 250 -8.60 30.54 7.78
N ARG B 251 -8.97 29.25 7.93
CA ARG B 251 -9.51 28.35 6.84
C ARG B 251 -10.98 27.98 7.21
N LEU B 252 -11.59 27.01 6.52
CA LEU B 252 -13.01 26.60 6.81
C LEU B 252 -13.25 26.65 8.32
N PHE B 253 -12.82 25.58 8.96
CA PHE B 253 -12.87 25.46 10.43
C PHE B 253 -11.51 24.82 10.88
N ASP B 254 -10.46 25.59 10.55
CA ASP B 254 -9.02 25.31 10.87
C ASP B 254 -8.23 26.64 10.84
N TYR B 255 -7.04 26.61 11.45
CA TYR B 255 -6.14 27.80 11.51
C TYR B 255 -4.76 27.44 10.92
N VAL B 256 -3.90 28.47 10.27
CA VAL B 256 -2.64 27.97 9.70
C VAL B 256 -1.53 28.98 9.72
N VAL B 257 -0.38 28.45 9.33
CA VAL B 257 0.86 29.26 9.33
C VAL B 257 1.82 28.72 8.28
N LYS B 258 2.71 29.55 7.77
CA LYS B 258 3.67 29.07 6.74
C LYS B 258 4.69 28.16 7.40
N CYS B 259 4.71 26.91 6.97
CA CYS B 259 5.59 25.86 7.50
C CYS B 259 6.96 26.31 7.80
N ASN B 260 7.38 27.29 7.03
CA ASN B 260 8.68 27.97 7.09
C ASN B 260 8.95 28.46 8.51
N GLU B 261 8.03 29.31 8.95
CA GLU B 261 7.99 29.97 10.24
C GLU B 261 7.37 29.11 11.31
N GLY B 262 6.74 27.98 11.00
CA GLY B 262 6.16 27.22 12.13
C GLY B 262 7.10 27.14 13.31
N PRO B 263 8.24 26.54 13.11
CA PRO B 263 9.25 26.32 14.15
C PRO B 263 9.74 27.61 14.76
N THR B 264 9.13 28.73 14.46
CA THR B 264 9.59 30.02 15.01
C THR B 264 8.56 30.62 15.95
N LEU B 265 7.34 30.12 15.93
CA LEU B 265 6.25 30.61 16.80
C LEU B 265 6.70 30.66 18.26
N PRO B 266 6.06 31.43 19.12
CA PRO B 266 6.47 31.50 20.55
C PRO B 266 5.82 30.38 21.34
N ASP B 267 6.30 30.12 22.54
CA ASP B 267 5.78 29.06 23.42
C ASP B 267 4.41 29.43 23.97
N ILE B 268 3.50 28.49 24.08
CA ILE B 268 2.19 28.79 24.69
C ILE B 268 2.14 28.15 26.07
N SER B 269 1.76 28.87 27.10
CA SER B 269 1.81 28.33 28.48
C SER B 269 0.44 28.33 29.13
N PHE B 270 0.07 27.27 29.80
CA PHE B 270 -1.22 27.11 30.49
C PHE B 270 -1.01 27.06 31.99
N HIS B 271 -1.61 28.00 32.70
CA HIS B 271 -1.41 28.00 34.16
C HIS B 271 -2.38 27.12 34.88
N LEU B 272 -1.97 25.94 35.36
CA LEU B 272 -2.88 25.07 36.12
C LEU B 272 -2.26 24.76 37.49
N GLY B 273 -3.06 24.94 38.51
CA GLY B 273 -2.76 24.70 39.90
C GLY B 273 -1.52 25.40 40.43
N GLY B 274 -1.15 26.53 39.83
CA GLY B 274 0.06 27.21 40.36
C GLY B 274 1.24 26.93 39.46
N LYS B 275 1.25 25.71 38.94
CA LYS B 275 2.34 25.33 38.02
C LYS B 275 1.98 25.71 36.60
N GLU B 276 2.95 25.81 35.70
CA GLU B 276 2.47 26.13 34.36
C GLU B 276 2.95 25.12 33.34
N TYR B 277 1.94 24.55 32.71
CA TYR B 277 2.13 23.55 31.65
C TYR B 277 2.36 24.23 30.32
N THR B 278 3.59 24.24 29.81
CA THR B 278 3.94 24.90 28.56
C THR B 278 3.87 23.95 27.36
N LEU B 279 3.54 24.52 26.22
CA LEU B 279 3.53 23.80 24.94
C LEU B 279 4.47 24.56 23.97
N THR B 280 5.45 23.90 23.43
CA THR B 280 6.42 24.46 22.46
C THR B 280 5.71 24.57 21.11
N SER B 281 6.32 25.23 20.15
CA SER B 281 5.65 25.36 18.82
C SER B 281 5.75 24.02 18.10
N ALA B 282 6.42 23.10 18.75
CA ALA B 282 6.58 21.76 18.13
C ALA B 282 5.39 20.88 18.54
N ASP B 283 4.92 21.15 19.73
CA ASP B 283 3.81 20.43 20.36
C ASP B 283 2.47 20.84 19.78
N TYR B 284 2.38 22.02 19.20
CA TYR B 284 1.05 22.42 18.72
C TYR B 284 1.05 22.75 17.26
N VAL B 285 2.20 22.70 16.60
CA VAL B 285 2.07 23.04 15.15
C VAL B 285 2.31 21.77 14.36
N PHE B 286 1.48 21.51 13.38
CA PHE B 286 1.70 20.26 12.59
C PHE B 286 2.73 20.51 11.51
N GLN B 287 3.97 20.18 11.77
CA GLN B 287 5.05 20.39 10.85
C GLN B 287 5.20 19.33 9.79
N GLU B 288 4.32 19.30 8.81
CA GLU B 288 4.39 18.35 7.69
C GLU B 288 5.29 18.89 6.57
N SER B 289 6.13 19.95 6.89
CA SER B 289 7.06 20.50 5.89
C SER B 289 7.68 21.80 6.40
N TYR B 290 8.28 22.53 5.47
CA TYR B 290 8.97 23.80 5.79
C TYR B 290 8.93 24.78 4.62
N SER B 291 8.15 24.42 3.62
CA SER B 291 7.96 25.23 2.41
C SER B 291 7.30 26.55 2.77
N SER B 292 7.27 27.44 1.80
CA SER B 292 6.67 28.77 1.95
C SER B 292 5.40 28.85 1.11
N LYS B 293 5.32 27.85 0.25
CA LYS B 293 4.21 27.68 -0.69
C LYS B 293 3.06 26.96 0.01
N LYS B 294 3.43 26.16 0.99
CA LYS B 294 2.46 25.35 1.74
C LYS B 294 2.21 25.91 3.15
N LEU B 295 0.91 25.58 3.55
CA LEU B 295 0.40 25.99 4.87
C LEU B 295 0.23 24.76 5.76
N CYS B 296 0.61 24.96 7.01
CA CYS B 296 0.52 23.94 8.05
C CYS B 296 -0.61 24.27 9.02
N THR B 297 -1.32 23.24 9.39
CA THR B 297 -2.45 23.36 10.33
C THR B 297 -1.92 23.31 11.77
N LEU B 298 -2.47 24.16 12.63
CA LEU B 298 -2.24 24.14 14.08
C LEU B 298 -3.23 23.17 14.74
N ALA B 299 -2.89 22.76 15.95
CA ALA B 299 -3.72 21.79 16.72
C ALA B 299 -4.48 22.49 17.84
N ILE B 300 -4.97 23.65 17.49
CA ILE B 300 -5.77 24.49 18.39
C ILE B 300 -6.95 25.03 17.58
N HIS B 301 -8.12 24.68 18.03
CA HIS B 301 -9.33 25.09 17.33
C HIS B 301 -10.17 25.98 18.21
N ALA B 302 -10.96 26.78 17.55
CA ALA B 302 -11.88 27.67 18.24
C ALA B 302 -13.25 27.01 18.27
N MET B 303 -13.78 26.77 19.44
CA MET B 303 -15.11 26.14 19.54
C MET B 303 -15.87 26.62 20.78
N ASP B 304 -17.04 27.22 20.54
CA ASP B 304 -17.90 27.75 21.63
C ASP B 304 -18.87 26.68 22.09
N ILE B 305 -18.49 26.33 23.28
CA ILE B 305 -19.08 25.30 24.09
C ILE B 305 -20.08 25.92 25.07
N PRO B 306 -21.41 25.79 24.91
CA PRO B 306 -22.46 26.43 25.73
C PRO B 306 -22.56 25.78 27.10
N PRO B 307 -23.02 26.63 28.00
CA PRO B 307 -23.25 26.18 29.39
C PRO B 307 -24.21 24.97 29.31
N PRO B 308 -24.39 24.38 30.47
CA PRO B 308 -23.77 24.85 31.70
C PRO B 308 -22.27 24.56 31.70
N THR B 309 -21.92 23.57 30.91
CA THR B 309 -20.54 23.11 30.78
C THR B 309 -19.59 24.19 30.36
N GLY B 310 -19.83 24.80 29.21
CA GLY B 310 -18.93 25.92 28.82
C GLY B 310 -19.48 27.20 29.45
N PRO B 311 -18.93 28.34 29.09
CA PRO B 311 -17.81 28.33 28.13
C PRO B 311 -16.59 27.74 28.83
N THR B 312 -15.84 26.97 28.06
CA THR B 312 -14.66 26.29 28.56
C THR B 312 -13.60 26.11 27.47
N TRP B 313 -12.40 26.01 27.98
CA TRP B 313 -11.23 25.68 27.10
C TRP B 313 -11.23 24.12 27.11
N ALA B 314 -10.77 23.45 26.10
CA ALA B 314 -10.77 21.98 26.19
C ALA B 314 -9.38 21.43 26.04
N LEU B 315 -8.79 20.87 27.09
CA LEU B 315 -7.44 20.34 26.80
C LEU B 315 -7.58 18.89 26.33
N GLY B 316 -7.35 18.71 25.04
CA GLY B 316 -7.47 17.42 24.38
C GLY B 316 -6.14 16.88 23.90
N ALA B 317 -6.16 16.22 22.77
CA ALA B 317 -5.06 15.60 22.10
C ALA B 317 -3.74 16.25 22.22
N THR B 318 -3.66 17.49 21.80
CA THR B 318 -2.51 18.33 21.74
C THR B 318 -1.70 18.43 23.01
N PHE B 319 -2.38 18.55 24.12
CA PHE B 319 -1.95 18.66 25.51
C PHE B 319 -1.65 17.30 26.12
N ILE B 320 -2.55 16.33 26.06
CA ILE B 320 -2.26 15.01 26.63
C ILE B 320 -1.07 14.32 26.05
N ARG B 321 -0.56 14.76 24.91
CA ARG B 321 0.61 14.11 24.33
C ARG B 321 1.88 14.46 25.13
N LYS B 322 1.92 15.64 25.71
CA LYS B 322 3.07 16.16 26.46
C LYS B 322 2.96 15.84 27.94
N PHE B 323 1.75 15.79 28.46
CA PHE B 323 1.58 15.51 29.88
C PHE B 323 0.71 14.30 30.12
N TYR B 324 1.26 13.21 30.57
CA TYR B 324 0.52 11.95 30.93
C TYR B 324 -0.61 12.39 31.89
N THR B 325 -1.81 11.92 31.77
CA THR B 325 -2.87 12.43 32.64
C THR B 325 -3.51 11.36 33.47
N GLU B 326 -3.65 11.66 34.75
CA GLU B 326 -4.27 10.71 35.70
C GLU B 326 -5.60 11.28 36.19
N PHE B 327 -6.65 10.50 36.07
CA PHE B 327 -7.96 11.00 36.53
C PHE B 327 -8.30 10.41 37.88
N ASP B 328 -7.96 11.14 38.93
CA ASP B 328 -8.22 10.68 40.30
C ASP B 328 -9.72 10.68 40.56
N ARG B 329 -10.29 9.53 40.87
CA ARG B 329 -11.74 9.57 41.15
C ARG B 329 -12.03 9.42 42.61
N ARG B 330 -11.00 9.16 43.41
CA ARG B 330 -11.32 9.05 44.85
C ARG B 330 -11.32 10.44 45.49
N ASN B 331 -10.31 11.20 45.10
CA ASN B 331 -10.02 12.55 45.55
C ASN B 331 -10.57 13.59 44.60
N ASN B 332 -11.22 13.14 43.54
CA ASN B 332 -11.84 14.06 42.60
C ASN B 332 -10.90 15.10 42.04
N ARG B 333 -9.71 14.74 41.61
CA ARG B 333 -8.79 15.76 41.04
C ARG B 333 -8.10 15.13 39.81
N ILE B 334 -7.38 15.94 39.08
CA ILE B 334 -6.61 15.58 37.88
C ILE B 334 -5.12 15.75 38.13
N GLY B 335 -4.27 14.82 37.74
CA GLY B 335 -2.83 15.08 38.00
C GLY B 335 -2.09 14.96 36.68
N PHE B 336 -1.21 15.88 36.39
CA PHE B 336 -0.46 15.86 35.11
C PHE B 336 1.02 15.57 35.38
N ALA B 337 1.71 14.94 34.47
CA ALA B 337 3.18 14.72 34.63
C ALA B 337 3.77 14.54 33.23
N LEU B 338 5.02 14.87 33.01
CA LEU B 338 5.71 14.78 31.72
C LEU B 338 5.54 13.42 31.08
N ALA B 339 5.25 13.41 29.80
CA ALA B 339 5.11 12.04 29.22
C ALA B 339 6.47 11.57 28.72
N ARG B 340 6.56 10.29 28.45
CA ARG B 340 7.79 9.67 27.88
C ARG B 340 7.40 8.91 26.59
#